data_5LC4
#
_entry.id   5LC4
#
_cell.length_a   41.750
_cell.length_b   118.450
_cell.length_c   85.420
_cell.angle_alpha   90.00
_cell.angle_beta   98.78
_cell.angle_gamma   90.00
#
_symmetry.space_group_name_H-M   'P 1 21 1'
#
loop_
_entity.id
_entity.type
_entity.pdbx_description
1 polymer 'Protein FAM3C'
2 water water
#
_entity_poly.entity_id   1
_entity_poly.type   'polypeptide(L)'
_entity_poly.pdbx_seq_one_letter_code
;MPLLLLLPLLWAGALAELHHHHHHENLYFQSGRYKCGISKACPEKHFAFKMASGAANVVGPKICLEDNVLMSGVKNNVGR
GINIALVNGKTGEVIDTKFFDMWGGDVAPFIEFLKTIQDGTVVLMATYDDGATKLTDEARRLIAELGSTSITSLGFRDNW
VFCGGKGIKTKSPFEQHIKNNKETNKYEGWPEVVEMEGCIPQKQD
;
_entity_poly.pdbx_strand_id   A,B,C,D
#
# COMPACT_ATOMS: atom_id res chain seq x y z
N TYR A 34 12.19 -17.84 39.13
CA TYR A 34 11.31 -16.67 39.17
C TYR A 34 10.42 -16.58 37.92
N LYS A 35 9.27 -15.88 38.05
CA LYS A 35 8.29 -15.68 36.99
C LYS A 35 8.91 -14.94 35.79
N CYS A 36 8.64 -15.43 34.56
CA CYS A 36 9.16 -14.89 33.29
C CYS A 36 10.69 -15.06 33.14
N GLY A 37 11.36 -15.57 34.16
CA GLY A 37 12.81 -15.75 34.20
C GLY A 37 13.55 -14.49 34.56
N ILE A 38 12.94 -13.63 35.40
CA ILE A 38 13.50 -12.35 35.85
C ILE A 38 14.60 -12.57 36.91
N SER A 39 15.54 -11.62 37.02
CA SER A 39 16.67 -11.66 37.94
C SER A 39 16.29 -11.59 39.43
N LYS A 40 15.36 -10.68 39.79
CA LYS A 40 14.90 -10.46 41.16
C LYS A 40 13.37 -10.62 41.23
N ALA A 41 12.86 -11.28 42.30
CA ALA A 41 11.43 -11.51 42.53
C ALA A 41 10.66 -10.20 42.69
N CYS A 42 9.46 -10.13 42.11
CA CYS A 42 8.59 -8.96 42.16
C CYS A 42 7.91 -8.82 43.53
N PRO A 43 7.71 -7.58 44.04
CA PRO A 43 7.01 -7.43 45.32
C PRO A 43 5.51 -7.71 45.21
N GLU A 44 4.78 -7.68 46.34
CA GLU A 44 3.34 -7.91 46.41
C GLU A 44 2.55 -6.88 45.60
N LYS A 45 1.43 -7.34 44.97
CA LYS A 45 0.53 -6.53 44.13
C LYS A 45 1.26 -5.92 42.91
N HIS A 46 2.09 -6.76 42.26
CA HIS A 46 2.88 -6.41 41.07
C HIS A 46 2.91 -7.58 40.09
N PHE A 47 2.78 -7.30 38.79
CA PHE A 47 2.84 -8.32 37.74
C PHE A 47 4.25 -8.38 37.17
N ALA A 48 4.86 -9.57 37.21
CA ALA A 48 6.20 -9.81 36.68
C ALA A 48 6.14 -9.86 35.17
N PHE A 49 7.11 -9.22 34.48
CA PHE A 49 7.16 -9.22 33.02
C PHE A 49 8.59 -9.24 32.49
N LYS A 50 8.76 -9.86 31.32
CA LYS A 50 10.02 -9.93 30.58
C LYS A 50 9.70 -9.89 29.10
N MET A 51 10.26 -8.91 28.40
CA MET A 51 10.01 -8.75 26.97
C MET A 51 11.26 -8.39 26.18
N ALA A 52 11.28 -8.81 24.92
CA ALA A 52 12.38 -8.56 24.01
C ALA A 52 11.84 -8.28 22.62
N SER A 53 12.51 -7.38 21.89
CA SER A 53 12.15 -7.07 20.50
C SER A 53 12.67 -8.21 19.62
N GLY A 54 12.37 -8.15 18.33
CA GLY A 54 12.86 -9.13 17.38
C GLY A 54 14.34 -8.91 17.09
N ALA A 55 14.98 -9.90 16.47
CA ALA A 55 16.38 -9.86 16.05
C ALA A 55 16.35 -9.82 14.53
N ALA A 56 16.58 -8.62 13.95
CA ALA A 56 16.53 -8.34 12.52
C ALA A 56 15.17 -8.80 11.94
N ASN A 57 15.16 -9.58 10.84
CA ASN A 57 13.95 -10.14 10.25
C ASN A 57 14.01 -11.67 10.37
N VAL A 58 14.75 -12.17 11.39
CA VAL A 58 15.02 -13.60 11.61
C VAL A 58 14.29 -14.18 12.83
N VAL A 59 14.50 -13.58 14.03
CA VAL A 59 13.91 -14.04 15.29
C VAL A 59 12.83 -13.07 15.75
N GLY A 60 11.64 -13.60 16.00
CA GLY A 60 10.50 -12.82 16.46
C GLY A 60 10.63 -12.26 17.86
N PRO A 61 9.80 -11.25 18.24
CA PRO A 61 9.87 -10.71 19.60
C PRO A 61 9.23 -11.68 20.60
N LYS A 62 9.44 -11.43 21.90
CA LYS A 62 8.87 -12.25 22.96
C LYS A 62 8.30 -11.38 24.08
N ILE A 63 7.05 -11.65 24.49
CA ILE A 63 6.35 -10.93 25.56
C ILE A 63 5.86 -11.98 26.57
N CYS A 64 6.32 -11.86 27.82
CA CYS A 64 5.94 -12.77 28.90
C CYS A 64 5.44 -11.96 30.10
N LEU A 65 4.31 -12.38 30.70
CA LEU A 65 3.71 -11.73 31.86
C LEU A 65 3.18 -12.78 32.83
N GLU A 66 3.60 -12.70 34.11
CA GLU A 66 3.24 -13.62 35.20
C GLU A 66 3.52 -15.09 34.84
N ASP A 67 4.73 -15.35 34.29
CA ASP A 67 5.26 -16.64 33.84
C ASP A 67 4.47 -17.25 32.65
N ASN A 68 3.62 -16.45 31.99
CA ASN A 68 2.85 -16.89 30.83
C ASN A 68 3.39 -16.21 29.57
N VAL A 69 3.77 -17.00 28.56
CA VAL A 69 4.27 -16.48 27.29
C VAL A 69 3.06 -15.99 26.49
N LEU A 70 2.94 -14.67 26.33
CA LEU A 70 1.85 -14.00 25.63
C LEU A 70 2.06 -14.02 24.12
N MET A 71 3.27 -13.64 23.67
CA MET A 71 3.65 -13.58 22.25
C MET A 71 5.08 -14.06 22.09
N SER A 72 5.35 -14.86 21.03
CA SER A 72 6.67 -15.40 20.68
C SER A 72 6.67 -16.06 19.30
N GLY A 73 7.87 -16.31 18.77
CA GLY A 73 8.07 -16.99 17.49
C GLY A 73 7.64 -18.44 17.55
N VAL A 74 7.88 -19.10 18.70
CA VAL A 74 7.52 -20.50 19.00
C VAL A 74 5.98 -20.61 19.03
N LYS A 75 5.31 -19.65 19.68
CA LYS A 75 3.85 -19.56 19.79
C LYS A 75 3.19 -19.26 18.43
N ASN A 76 3.99 -18.75 17.46
CA ASN A 76 3.64 -18.40 16.09
C ASN A 76 2.51 -17.34 16.01
N ASN A 77 2.53 -16.36 16.93
CA ASN A 77 1.55 -15.27 16.97
C ASN A 77 2.23 -13.90 16.88
N VAL A 78 3.42 -13.87 16.25
CA VAL A 78 4.21 -12.65 16.02
C VAL A 78 4.46 -12.44 14.52
N GLY A 79 4.76 -11.20 14.15
CA GLY A 79 5.05 -10.84 12.77
C GLY A 79 5.72 -9.48 12.68
N ARG A 80 6.12 -9.10 11.45
CA ARG A 80 6.78 -7.81 11.17
C ARG A 80 5.89 -6.64 11.62
N GLY A 81 6.51 -5.64 12.23
CA GLY A 81 5.83 -4.45 12.71
C GLY A 81 5.79 -4.34 14.21
N ILE A 82 4.70 -3.78 14.74
CA ILE A 82 4.50 -3.63 16.19
C ILE A 82 3.64 -4.80 16.69
N ASN A 83 4.17 -5.54 17.67
CA ASN A 83 3.52 -6.68 18.31
C ASN A 83 2.98 -6.20 19.66
N ILE A 84 1.65 -6.25 19.83
CA ILE A 84 0.93 -5.73 21.00
C ILE A 84 0.19 -6.82 21.78
N ALA A 85 0.35 -6.80 23.11
CA ALA A 85 -0.34 -7.68 24.02
C ALA A 85 -1.14 -6.83 25.02
N LEU A 86 -2.46 -7.03 25.08
CA LEU A 86 -3.37 -6.32 25.99
C LEU A 86 -3.61 -7.21 27.19
N VAL A 87 -3.39 -6.67 28.40
CA VAL A 87 -3.50 -7.40 29.67
C VAL A 87 -4.44 -6.67 30.65
N ASN A 88 -5.31 -7.44 31.35
CA ASN A 88 -6.21 -6.91 32.37
C ASN A 88 -5.35 -6.40 33.54
N GLY A 89 -5.46 -5.09 33.80
CA GLY A 89 -4.69 -4.41 34.85
C GLY A 89 -4.95 -4.84 36.28
N LYS A 90 -6.05 -5.59 36.51
CA LYS A 90 -6.43 -6.08 37.82
C LYS A 90 -6.05 -7.54 38.06
N THR A 91 -6.30 -8.43 37.08
CA THR A 91 -6.06 -9.87 37.19
C THR A 91 -4.71 -10.34 36.63
N GLY A 92 -4.23 -9.66 35.57
CA GLY A 92 -2.98 -10.02 34.90
C GLY A 92 -3.18 -10.99 33.75
N GLU A 93 -4.45 -11.28 33.42
CA GLU A 93 -4.84 -12.18 32.34
C GLU A 93 -4.84 -11.47 30.98
N VAL A 94 -4.52 -12.21 29.91
CA VAL A 94 -4.47 -11.69 28.53
C VAL A 94 -5.88 -11.40 28.01
N ILE A 95 -6.04 -10.23 27.38
CA ILE A 95 -7.29 -9.81 26.75
C ILE A 95 -7.20 -10.15 25.27
N ASP A 96 -6.12 -9.70 24.58
CA ASP A 96 -5.89 -9.92 23.15
C ASP A 96 -4.42 -9.70 22.79
N THR A 97 -3.96 -10.38 21.72
CA THR A 97 -2.61 -10.24 21.16
C THR A 97 -2.75 -10.01 19.66
N LYS A 98 -2.09 -8.97 19.14
CA LYS A 98 -2.14 -8.60 17.72
C LYS A 98 -0.80 -8.06 17.24
N PHE A 99 -0.55 -8.14 15.93
CA PHE A 99 0.63 -7.57 15.30
C PHE A 99 0.23 -6.82 14.04
N PHE A 100 0.78 -5.62 13.85
CA PHE A 100 0.46 -4.78 12.71
C PHE A 100 1.70 -4.45 11.92
N ASP A 101 1.70 -4.82 10.62
CA ASP A 101 2.81 -4.60 9.71
C ASP A 101 3.01 -3.12 9.42
N MET A 102 4.02 -2.52 10.06
CA MET A 102 4.31 -1.09 9.90
C MET A 102 5.29 -0.80 8.74
N TRP A 103 5.55 -1.81 7.88
CA TRP A 103 6.37 -1.64 6.67
C TRP A 103 5.50 -1.76 5.42
N GLY A 104 4.82 -2.90 5.29
CA GLY A 104 3.97 -3.21 4.13
C GLY A 104 2.47 -3.29 4.38
N GLY A 105 2.04 -2.90 5.57
CA GLY A 105 0.63 -2.95 5.95
C GLY A 105 -0.05 -1.60 6.06
N ASP A 106 -1.35 -1.61 6.39
CA ASP A 106 -2.18 -0.43 6.55
C ASP A 106 -2.18 0.03 8.01
N VAL A 107 -2.02 1.34 8.24
CA VAL A 107 -2.00 1.93 9.58
C VAL A 107 -3.43 2.06 10.18
N ALA A 108 -4.47 2.19 9.31
CA ALA A 108 -5.87 2.34 9.72
C ALA A 108 -6.37 1.23 10.69
N PRO A 109 -6.18 -0.09 10.45
CA PRO A 109 -6.62 -1.08 11.44
C PRO A 109 -5.86 -1.02 12.76
N PHE A 110 -4.59 -0.54 12.73
CA PHE A 110 -3.76 -0.38 13.94
C PHE A 110 -4.29 0.76 14.80
N ILE A 111 -4.65 1.90 14.17
CA ILE A 111 -5.22 3.09 14.83
C ILE A 111 -6.58 2.69 15.46
N GLU A 112 -7.39 1.90 14.72
CA GLU A 112 -8.69 1.38 15.17
C GLU A 112 -8.52 0.48 16.40
N PHE A 113 -7.47 -0.36 16.40
CA PHE A 113 -7.13 -1.26 17.52
C PHE A 113 -6.70 -0.47 18.77
N LEU A 114 -5.93 0.62 18.58
CA LEU A 114 -5.46 1.48 19.67
C LEU A 114 -6.61 2.22 20.34
N LYS A 115 -7.62 2.63 19.56
CA LYS A 115 -8.82 3.34 20.02
C LYS A 115 -9.76 2.43 20.81
N THR A 116 -9.77 1.11 20.50
CA THR A 116 -10.63 0.12 21.16
C THR A 116 -10.12 -0.28 22.57
N ILE A 117 -8.86 0.07 22.91
CA ILE A 117 -8.25 -0.24 24.22
C ILE A 117 -9.09 0.44 25.32
N GLN A 118 -9.58 -0.35 26.28
CA GLN A 118 -10.42 0.12 27.39
C GLN A 118 -9.57 0.53 28.60
N ASP A 119 -10.20 1.25 29.56
CA ASP A 119 -9.54 1.69 30.79
C ASP A 119 -9.22 0.50 31.69
N GLY A 120 -8.06 0.55 32.34
CA GLY A 120 -7.57 -0.51 33.22
C GLY A 120 -6.87 -1.64 32.46
N THR A 121 -6.26 -1.31 31.31
CA THR A 121 -5.56 -2.27 30.46
C THR A 121 -4.07 -1.95 30.37
N VAL A 122 -3.23 -2.95 30.68
CA VAL A 122 -1.76 -2.87 30.57
C VAL A 122 -1.44 -3.18 29.10
N VAL A 123 -0.67 -2.30 28.44
CA VAL A 123 -0.33 -2.44 27.03
C VAL A 123 1.17 -2.70 26.84
N LEU A 124 1.53 -3.89 26.31
CA LEU A 124 2.91 -4.29 26.06
C LEU A 124 3.18 -4.31 24.56
N MET A 125 4.15 -3.50 24.10
CA MET A 125 4.50 -3.38 22.67
C MET A 125 5.96 -3.72 22.39
N ALA A 126 6.20 -4.49 21.31
CA ALA A 126 7.54 -4.89 20.89
C ALA A 126 7.67 -4.89 19.36
N THR A 127 8.79 -4.36 18.85
CA THR A 127 9.03 -4.28 17.40
C THR A 127 9.64 -5.58 16.85
N TYR A 128 9.43 -5.82 15.55
CA TYR A 128 10.00 -6.93 14.79
C TYR A 128 10.28 -6.40 13.39
N ASP A 129 11.57 -6.41 12.99
CA ASP A 129 12.10 -5.93 11.70
C ASP A 129 12.00 -4.41 11.59
N ASP A 130 10.78 -3.88 11.44
CA ASP A 130 10.51 -2.44 11.38
C ASP A 130 9.10 -2.16 11.87
N GLY A 131 8.99 -1.20 12.77
CA GLY A 131 7.70 -0.78 13.32
C GLY A 131 7.43 0.70 13.23
N ALA A 132 8.08 1.42 12.27
CA ALA A 132 7.91 2.86 12.18
C ALA A 132 7.52 3.46 10.82
N THR A 133 7.84 2.81 9.69
CA THR A 133 7.59 3.35 8.34
C THR A 133 6.14 3.82 8.11
N LYS A 134 5.14 2.99 8.44
CA LYS A 134 3.73 3.31 8.22
C LYS A 134 3.09 4.14 9.35
N LEU A 135 3.84 4.43 10.45
CA LEU A 135 3.32 5.23 11.55
C LEU A 135 2.98 6.65 11.12
N THR A 136 1.82 7.13 11.56
CA THR A 136 1.33 8.49 11.29
C THR A 136 1.37 9.27 12.59
N ASP A 137 1.12 10.60 12.56
CA ASP A 137 1.08 11.44 13.74
C ASP A 137 0.01 10.94 14.73
N GLU A 138 -1.17 10.52 14.21
CA GLU A 138 -2.29 9.99 14.98
C GLU A 138 -1.89 8.71 15.75
N ALA A 139 -1.19 7.78 15.07
CA ALA A 139 -0.72 6.52 15.65
C ALA A 139 0.31 6.77 16.77
N ARG A 140 1.26 7.70 16.54
CA ARG A 140 2.30 8.08 17.51
C ARG A 140 1.69 8.78 18.73
N ARG A 141 0.65 9.62 18.52
CA ARG A 141 -0.05 10.34 19.60
C ARG A 141 -0.77 9.38 20.53
N LEU A 142 -1.49 8.38 19.96
CA LEU A 142 -2.24 7.37 20.72
C LEU A 142 -1.32 6.52 21.60
N ILE A 143 -0.13 6.13 21.08
CA ILE A 143 0.86 5.34 21.82
C ILE A 143 1.50 6.22 22.92
N ALA A 144 1.74 7.51 22.63
CA ALA A 144 2.31 8.48 23.58
C ALA A 144 1.36 8.67 24.78
N GLU A 145 0.03 8.62 24.52
CA GLU A 145 -1.03 8.73 25.52
C GLU A 145 -1.02 7.54 26.49
N LEU A 146 -0.45 6.39 26.04
CA LEU A 146 -0.32 5.17 26.85
C LEU A 146 0.90 5.21 27.78
N GLY A 147 1.71 6.28 27.66
CA GLY A 147 2.89 6.51 28.50
C GLY A 147 4.22 6.40 27.78
N SER A 148 4.21 6.44 26.43
CA SER A 148 5.42 6.32 25.63
C SER A 148 6.11 7.66 25.34
N THR A 149 7.44 7.69 25.53
CA THR A 149 8.29 8.84 25.27
C THR A 149 9.04 8.65 23.94
N SER A 150 9.47 7.41 23.64
CA SER A 150 10.27 7.04 22.46
C SER A 150 9.50 6.89 21.13
N ILE A 151 8.16 6.68 21.17
CA ILE A 151 7.34 6.48 19.96
C ILE A 151 7.39 7.68 18.99
N THR A 152 7.53 8.92 19.51
CA THR A 152 7.60 10.14 18.69
C THR A 152 8.86 10.19 17.81
N SER A 153 9.96 9.54 18.27
CA SER A 153 11.23 9.49 17.55
C SER A 153 11.57 8.11 16.93
N LEU A 154 10.60 7.16 16.96
CA LEU A 154 10.79 5.82 16.40
C LEU A 154 10.96 5.89 14.87
N GLY A 155 12.12 5.43 14.42
CA GLY A 155 12.50 5.43 13.01
C GLY A 155 12.66 4.05 12.41
N PHE A 156 12.92 4.02 11.09
CA PHE A 156 13.10 2.80 10.29
C PHE A 156 14.08 1.80 10.92
N ARG A 157 13.59 0.57 11.17
CA ARG A 157 14.31 -0.58 11.73
C ARG A 157 14.83 -0.41 13.17
N ASP A 158 14.36 0.62 13.91
CA ASP A 158 14.74 0.79 15.32
C ASP A 158 14.09 -0.33 16.14
N ASN A 159 14.79 -0.81 17.17
CA ASN A 159 14.24 -1.82 18.07
C ASN A 159 13.65 -1.12 19.29
N TRP A 160 12.44 -1.51 19.68
CA TRP A 160 11.70 -0.86 20.76
C TRP A 160 10.82 -1.81 21.54
N VAL A 161 10.88 -1.71 22.88
CA VAL A 161 10.05 -2.45 23.83
C VAL A 161 9.41 -1.45 24.78
N PHE A 162 8.11 -1.61 25.06
CA PHE A 162 7.37 -0.68 25.89
C PHE A 162 6.25 -1.37 26.66
N CYS A 163 6.05 -0.95 27.90
CA CYS A 163 4.97 -1.45 28.75
C CYS A 163 4.27 -0.28 29.41
N GLY A 164 3.14 0.12 28.83
CA GLY A 164 2.32 1.21 29.33
C GLY A 164 0.92 0.77 29.68
N GLY A 165 -0.02 1.70 29.55
CA GLY A 165 -1.43 1.44 29.85
C GLY A 165 -2.37 2.60 29.69
N LYS A 166 -3.69 2.31 29.72
CA LYS A 166 -4.77 3.28 29.57
C LYS A 166 -5.66 3.28 30.82
N GLY A 167 -5.89 4.47 31.37
CA GLY A 167 -6.73 4.67 32.56
C GLY A 167 -6.25 4.01 33.83
N ILE A 168 -4.92 3.85 33.97
CA ILE A 168 -4.30 3.26 35.17
C ILE A 168 -3.53 4.37 35.89
N LYS A 169 -3.91 4.65 37.15
CA LYS A 169 -3.26 5.70 37.93
C LYS A 169 -1.89 5.28 38.46
N THR A 170 -0.85 5.86 37.86
CA THR A 170 0.54 5.59 38.21
C THR A 170 1.08 6.70 39.11
N LYS A 171 1.91 6.35 40.10
CA LYS A 171 2.53 7.32 40.98
C LYS A 171 3.65 8.06 40.22
N SER A 172 3.85 9.35 40.52
CA SER A 172 4.82 10.24 39.86
C SER A 172 6.29 9.78 39.91
N PRO A 173 7.05 9.90 38.79
CA PRO A 173 8.48 9.53 38.84
C PRO A 173 9.35 10.66 39.43
N PHE A 174 8.74 11.84 39.70
CA PHE A 174 9.43 13.01 40.25
C PHE A 174 9.07 13.22 41.72
N GLU A 175 9.90 12.62 42.60
CA GLU A 175 9.78 12.67 44.05
C GLU A 175 11.11 12.30 44.72
N GLN A 176 11.56 13.13 45.67
CA GLN A 176 12.79 12.92 46.44
C GLN A 176 12.49 13.29 47.89
N HIS A 177 12.89 12.41 48.83
CA HIS A 177 12.60 12.59 50.25
C HIS A 177 13.74 12.12 51.16
N ILE A 178 14.18 13.01 52.06
CA ILE A 178 15.24 12.71 53.04
C ILE A 178 14.67 12.87 54.45
N LYS A 179 14.78 11.81 55.25
CA LYS A 179 14.28 11.80 56.63
C LYS A 179 15.16 12.65 57.55
N ASN A 180 14.54 13.26 58.57
CA ASN A 180 15.22 14.04 59.59
C ASN A 180 15.75 13.06 60.63
N ASN A 181 17.08 12.92 60.70
CA ASN A 181 17.76 12.03 61.63
C ASN A 181 18.95 12.79 62.22
N LYS A 182 18.79 13.28 63.47
CA LYS A 182 19.75 14.10 64.23
C LYS A 182 21.20 13.60 64.21
N GLU A 183 21.37 12.28 64.12
CA GLU A 183 22.65 11.60 64.07
C GLU A 183 23.37 11.64 62.73
N THR A 184 22.63 11.82 61.66
CA THR A 184 23.16 11.86 60.28
C THR A 184 22.89 13.19 59.56
N ASN A 185 22.10 14.09 60.17
CA ASN A 185 21.72 15.40 59.61
C ASN A 185 22.92 16.28 59.31
N LYS A 186 22.97 16.83 58.07
CA LYS A 186 24.05 17.72 57.63
C LYS A 186 24.08 18.99 58.48
N TYR A 187 22.90 19.54 58.85
CA TYR A 187 22.79 20.76 59.66
C TYR A 187 22.43 20.48 61.13
N GLU A 188 22.63 19.22 61.59
CA GLU A 188 22.35 18.73 62.95
C GLU A 188 20.85 18.71 63.27
N GLY A 189 20.22 19.88 63.33
CA GLY A 189 18.80 20.01 63.62
C GLY A 189 17.92 19.72 62.43
N TRP A 190 18.47 19.84 61.21
CA TRP A 190 17.77 19.62 59.94
C TRP A 190 18.61 18.78 58.97
N PRO A 191 17.98 17.96 58.09
CA PRO A 191 18.77 17.21 57.10
C PRO A 191 19.23 18.07 55.92
N GLU A 192 20.03 17.50 55.01
CA GLU A 192 20.54 18.20 53.82
C GLU A 192 19.42 18.52 52.82
N VAL A 193 19.68 19.49 51.92
CA VAL A 193 18.78 19.93 50.86
C VAL A 193 18.54 18.77 49.90
N VAL A 194 17.27 18.57 49.51
CA VAL A 194 16.92 17.55 48.55
C VAL A 194 16.63 18.23 47.19
N GLU A 195 17.39 17.86 46.15
CA GLU A 195 17.30 18.45 44.81
C GLU A 195 16.74 17.48 43.78
N MET A 196 16.05 18.01 42.75
CA MET A 196 15.41 17.23 41.70
C MET A 196 15.24 18.01 40.40
N GLU A 197 15.40 17.30 39.26
CA GLU A 197 15.22 17.84 37.91
C GLU A 197 14.62 16.78 36.96
N GLY A 198 13.85 17.22 35.97
CA GLY A 198 13.22 16.32 35.01
C GLY A 198 12.43 17.00 33.92
N CYS A 199 11.59 16.20 33.20
CA CYS A 199 10.77 16.65 32.09
C CYS A 199 9.30 16.24 32.26
N ILE A 200 8.41 17.24 32.43
CA ILE A 200 6.97 17.00 32.62
C ILE A 200 6.29 16.95 31.24
N PRO A 201 5.52 15.88 30.92
CA PRO A 201 4.86 15.83 29.59
C PRO A 201 3.75 16.86 29.44
N GLN A 202 3.76 17.60 28.31
CA GLN A 202 2.78 18.62 27.96
C GLN A 202 1.44 17.96 27.57
N LYS A 203 0.33 18.44 28.16
CA LYS A 203 -1.01 17.94 27.88
C LYS A 203 -1.47 18.48 26.51
N GLN A 204 -2.13 17.62 25.69
CA GLN A 204 -2.61 17.92 24.33
C GLN A 204 -1.45 18.29 23.39
N TYR B 34 10.20 12.11 -37.12
CA TYR B 34 8.87 11.73 -37.61
C TYR B 34 7.78 12.09 -36.59
N LYS B 35 6.49 11.99 -37.01
CA LYS B 35 5.31 12.28 -36.20
C LYS B 35 5.27 11.41 -34.95
N CYS B 36 5.04 12.04 -33.77
CA CYS B 36 5.01 11.40 -32.44
C CYS B 36 6.40 10.90 -31.96
N GLY B 37 7.43 11.11 -32.79
CA GLY B 37 8.80 10.68 -32.52
C GLY B 37 8.99 9.18 -32.70
N ILE B 38 8.32 8.61 -33.71
CA ILE B 38 8.38 7.17 -34.04
C ILE B 38 9.65 6.83 -34.82
N SER B 39 10.07 5.55 -34.78
CA SER B 39 11.28 5.03 -35.45
C SER B 39 11.24 5.17 -36.97
N LYS B 40 10.17 4.69 -37.62
CA LYS B 40 10.00 4.75 -39.07
C LYS B 40 8.67 5.42 -39.43
N ALA B 41 8.63 6.12 -40.58
CA ALA B 41 7.46 6.84 -41.08
C ALA B 41 6.27 5.92 -41.41
N CYS B 42 5.05 6.37 -41.08
CA CYS B 42 3.81 5.63 -41.33
C CYS B 42 3.41 5.67 -42.82
N PRO B 43 2.83 4.58 -43.39
CA PRO B 43 2.39 4.65 -44.79
C PRO B 43 1.14 5.53 -44.97
N GLU B 44 0.69 5.73 -46.23
CA GLU B 44 -0.47 6.57 -46.56
C GLU B 44 -1.77 6.01 -45.94
N LYS B 45 -2.68 6.94 -45.58
CA LYS B 45 -3.99 6.67 -44.92
C LYS B 45 -3.81 5.90 -43.58
N HIS B 46 -2.84 6.36 -42.77
CA HIS B 46 -2.52 5.79 -41.45
C HIS B 46 -2.18 6.90 -40.46
N PHE B 47 -2.67 6.78 -39.21
CA PHE B 47 -2.40 7.74 -38.15
C PHE B 47 -1.22 7.25 -37.31
N ALA B 48 -0.18 8.08 -37.19
CA ALA B 48 1.00 7.77 -36.39
C ALA B 48 0.68 7.95 -34.91
N PHE B 49 1.14 7.02 -34.06
CA PHE B 49 0.90 7.08 -32.62
C PHE B 49 2.06 6.55 -31.81
N LYS B 50 2.26 7.12 -30.62
CA LYS B 50 3.27 6.72 -29.64
C LYS B 50 2.67 6.92 -28.26
N MET B 51 2.63 5.84 -27.47
CA MET B 51 2.05 5.89 -26.13
C MET B 51 2.86 5.10 -25.12
N ALA B 52 2.82 5.56 -23.86
CA ALA B 52 3.52 4.94 -22.75
C ALA B 52 2.66 5.00 -21.51
N SER B 53 2.74 3.97 -20.67
CA SER B 53 2.02 3.92 -19.40
C SER B 53 2.77 4.81 -18.41
N GLY B 54 2.24 4.97 -17.21
CA GLY B 54 2.90 5.72 -16.16
C GLY B 54 4.06 4.93 -15.57
N ALA B 55 4.93 5.62 -14.82
CA ALA B 55 6.07 5.03 -14.14
C ALA B 55 5.76 5.12 -12.64
N ALA B 56 5.34 3.98 -12.05
CA ALA B 56 4.91 3.86 -10.65
C ALA B 56 3.78 4.89 -10.36
N ASN B 57 3.89 5.69 -9.29
CA ASN B 57 2.94 6.74 -8.94
C ASN B 57 3.67 8.10 -9.04
N VAL B 58 4.73 8.16 -9.88
CA VAL B 58 5.60 9.33 -10.02
C VAL B 58 5.43 10.06 -11.37
N VAL B 59 5.59 9.33 -12.50
CA VAL B 59 5.49 9.90 -13.85
C VAL B 59 4.21 9.43 -14.51
N GLY B 60 3.41 10.38 -15.01
CA GLY B 60 2.15 10.10 -15.68
C GLY B 60 2.30 9.45 -17.04
N PRO B 61 1.22 8.85 -17.58
CA PRO B 61 1.33 8.24 -18.92
C PRO B 61 1.35 9.30 -20.01
N LYS B 62 1.68 8.90 -21.24
CA LYS B 62 1.73 9.81 -22.38
C LYS B 62 1.07 9.18 -23.59
N ILE B 63 0.15 9.91 -24.24
CA ILE B 63 -0.56 9.48 -25.45
C ILE B 63 -0.37 10.56 -26.51
N CYS B 64 0.23 10.18 -27.65
CA CYS B 64 0.48 11.09 -28.77
C CYS B 64 -0.06 10.48 -30.05
N LEU B 65 -0.77 11.28 -30.87
CA LEU B 65 -1.36 10.86 -32.13
C LEU B 65 -1.20 11.98 -33.17
N GLU B 66 -0.61 11.65 -34.34
CA GLU B 66 -0.33 12.56 -35.47
C GLU B 66 0.46 13.81 -35.03
N ASP B 67 1.52 13.57 -34.23
CA ASP B 67 2.45 14.55 -33.65
C ASP B 67 1.77 15.52 -32.64
N ASN B 68 0.55 15.19 -32.18
CA ASN B 68 -0.19 15.98 -31.20
C ASN B 68 -0.24 15.23 -29.88
N VAL B 69 0.25 15.86 -28.79
CA VAL B 69 0.22 15.26 -27.45
C VAL B 69 -1.21 15.37 -26.94
N LEU B 70 -1.89 14.22 -26.82
CA LEU B 70 -3.28 14.10 -26.39
C LEU B 70 -3.38 14.14 -24.86
N MET B 71 -2.55 13.33 -24.18
CA MET B 71 -2.51 13.20 -22.72
C MET B 71 -1.06 13.06 -22.25
N SER B 72 -0.69 13.76 -21.16
CA SER B 72 0.64 13.73 -20.54
C SER B 72 0.64 14.43 -19.18
N GLY B 73 1.70 14.19 -18.39
CA GLY B 73 1.93 14.80 -17.10
C GLY B 73 2.15 16.31 -17.23
N VAL B 74 2.86 16.71 -18.31
CA VAL B 74 3.17 18.11 -18.64
C VAL B 74 1.86 18.86 -18.99
N LYS B 75 0.97 18.21 -19.78
CA LYS B 75 -0.34 18.74 -20.17
C LYS B 75 -1.30 18.82 -18.97
N ASN B 76 -0.96 18.10 -17.88
CA ASN B 76 -1.69 18.01 -16.60
C ASN B 76 -3.14 17.50 -16.77
N ASN B 77 -3.35 16.55 -17.69
CA ASN B 77 -4.68 15.98 -17.94
C ASN B 77 -4.66 14.45 -17.75
N VAL B 78 -3.76 13.97 -16.88
CA VAL B 78 -3.60 12.55 -16.52
C VAL B 78 -3.76 12.35 -15.02
N GLY B 79 -4.07 11.13 -14.61
CA GLY B 79 -4.24 10.78 -13.21
C GLY B 79 -4.22 9.28 -13.01
N ARG B 80 -4.27 8.85 -11.73
CA ARG B 80 -4.27 7.44 -11.34
C ARG B 80 -5.47 6.71 -11.99
N GLY B 81 -5.21 5.50 -12.48
CA GLY B 81 -6.21 4.66 -13.12
C GLY B 81 -5.99 4.48 -14.60
N ILE B 82 -7.10 4.37 -15.35
CA ILE B 82 -7.06 4.22 -16.81
C ILE B 82 -7.25 5.60 -17.45
N ASN B 83 -6.30 5.98 -18.31
CA ASN B 83 -6.27 7.23 -19.05
C ASN B 83 -6.69 6.94 -20.48
N ILE B 84 -7.82 7.51 -20.91
CA ILE B 84 -8.42 7.25 -22.22
C ILE B 84 -8.47 8.49 -23.10
N ALA B 85 -8.08 8.33 -24.36
CA ALA B 85 -8.15 9.36 -25.39
C ALA B 85 -9.03 8.83 -26.53
N LEU B 86 -10.11 9.56 -26.85
CA LEU B 86 -11.04 9.21 -27.94
C LEU B 86 -10.66 10.05 -29.16
N VAL B 87 -10.44 9.38 -30.30
CA VAL B 87 -10.01 10.02 -31.54
C VAL B 87 -10.96 9.69 -32.69
N ASN B 88 -11.25 10.67 -33.56
CA ASN B 88 -12.09 10.49 -34.75
C ASN B 88 -11.30 9.60 -35.72
N GLY B 89 -11.87 8.44 -36.05
CA GLY B 89 -11.26 7.44 -36.92
C GLY B 89 -11.04 7.85 -38.36
N LYS B 90 -11.66 8.97 -38.78
CA LYS B 90 -11.55 9.49 -40.15
C LYS B 90 -10.57 10.65 -40.28
N THR B 91 -10.63 11.63 -39.34
CA THR B 91 -9.78 12.84 -39.37
C THR B 91 -8.50 12.75 -38.53
N GLY B 92 -8.56 12.01 -37.43
CA GLY B 92 -7.44 11.86 -36.51
C GLY B 92 -7.43 12.90 -35.40
N GLU B 93 -8.50 13.70 -35.32
CA GLU B 93 -8.69 14.74 -34.31
C GLU B 93 -9.24 14.17 -33.01
N VAL B 94 -8.87 14.79 -31.88
CA VAL B 94 -9.31 14.39 -30.54
C VAL B 94 -10.78 14.73 -30.32
N ILE B 95 -11.54 13.76 -29.76
CA ILE B 95 -12.95 13.93 -29.42
C ILE B 95 -13.00 14.32 -27.93
N ASP B 96 -12.37 13.51 -27.06
CA ASP B 96 -12.34 13.70 -25.61
C ASP B 96 -11.20 12.93 -24.96
N THR B 97 -10.70 13.43 -23.81
CA THR B 97 -9.67 12.80 -22.98
C THR B 97 -10.19 12.75 -21.55
N LYS B 98 -10.13 11.57 -20.93
CA LYS B 98 -10.61 11.34 -19.56
C LYS B 98 -9.72 10.35 -18.83
N PHE B 99 -9.73 10.40 -17.50
CA PHE B 99 -9.04 9.44 -16.65
C PHE B 99 -9.95 9.01 -15.51
N PHE B 100 -9.99 7.70 -15.24
CA PHE B 100 -10.85 7.14 -14.20
C PHE B 100 -10.03 6.39 -13.18
N ASP B 101 -10.14 6.82 -11.91
CA ASP B 101 -9.42 6.22 -10.78
C ASP B 101 -9.93 4.81 -10.49
N MET B 102 -9.16 3.81 -10.94
CA MET B 102 -9.53 2.40 -10.75
C MET B 102 -9.01 1.81 -9.44
N TRP B 103 -8.59 2.66 -8.49
CA TRP B 103 -8.16 2.19 -7.17
C TRP B 103 -9.05 2.80 -6.08
N GLY B 104 -9.22 4.12 -6.10
CA GLY B 104 -10.03 4.83 -5.12
C GLY B 104 -11.28 5.51 -5.66
N GLY B 105 -11.61 5.27 -6.93
CA GLY B 105 -12.78 5.86 -7.57
C GLY B 105 -13.92 4.91 -7.84
N ASP B 106 -15.00 5.45 -8.43
CA ASP B 106 -16.21 4.70 -8.79
C ASP B 106 -16.10 4.19 -10.23
N VAL B 107 -16.47 2.91 -10.45
CA VAL B 107 -16.43 2.27 -11.77
C VAL B 107 -17.63 2.70 -12.65
N ALA B 108 -18.78 3.06 -12.02
CA ALA B 108 -20.01 3.47 -12.71
C ALA B 108 -19.80 4.60 -13.74
N PRO B 109 -19.13 5.76 -13.45
CA PRO B 109 -18.92 6.77 -14.51
C PRO B 109 -18.01 6.30 -15.64
N PHE B 110 -17.09 5.35 -15.36
CA PHE B 110 -16.18 4.77 -16.35
C PHE B 110 -16.96 3.89 -17.33
N ILE B 111 -17.87 3.04 -16.81
CA ILE B 111 -18.74 2.16 -17.59
C ILE B 111 -19.66 3.01 -18.49
N GLU B 112 -20.21 4.12 -17.93
CA GLU B 112 -21.06 5.10 -18.62
C GLU B 112 -20.27 5.72 -19.79
N PHE B 113 -19.00 6.10 -19.55
CA PHE B 113 -18.10 6.68 -20.55
C PHE B 113 -17.81 5.70 -21.69
N LEU B 114 -17.61 4.41 -21.36
CA LEU B 114 -17.33 3.36 -22.34
C LEU B 114 -18.52 3.11 -23.26
N LYS B 115 -19.74 3.18 -22.70
CA LYS B 115 -21.00 2.98 -23.42
C LYS B 115 -21.33 4.13 -24.37
N THR B 116 -20.87 5.35 -24.05
CA THR B 116 -21.11 6.55 -24.85
C THR B 116 -20.20 6.64 -26.10
N ILE B 117 -19.15 5.80 -26.19
CA ILE B 117 -18.22 5.75 -27.34
C ILE B 117 -19.03 5.39 -28.60
N GLN B 118 -18.95 6.26 -29.62
CA GLN B 118 -19.66 6.10 -30.89
C GLN B 118 -18.85 5.30 -31.91
N ASP B 119 -19.51 4.83 -32.99
CA ASP B 119 -18.86 4.08 -34.06
C ASP B 119 -17.91 5.00 -34.86
N GLY B 120 -16.77 4.44 -35.26
CA GLY B 120 -15.74 5.16 -35.99
C GLY B 120 -14.81 5.96 -35.11
N THR B 121 -14.63 5.49 -33.85
CA THR B 121 -13.79 6.14 -32.84
C THR B 121 -12.61 5.24 -32.46
N VAL B 122 -11.38 5.78 -32.56
CA VAL B 122 -10.14 5.12 -32.16
C VAL B 122 -10.01 5.36 -30.66
N VAL B 123 -9.82 4.29 -29.87
CA VAL B 123 -9.73 4.36 -28.41
C VAL B 123 -8.32 4.00 -27.93
N LEU B 124 -7.62 4.98 -27.32
CA LEU B 124 -6.27 4.80 -26.78
C LEU B 124 -6.32 4.81 -25.25
N MET B 125 -5.88 3.71 -24.62
CA MET B 125 -5.90 3.54 -23.15
C MET B 125 -4.51 3.28 -22.57
N ALA B 126 -4.19 3.95 -21.45
CA ALA B 126 -2.91 3.80 -20.75
C ALA B 126 -3.11 3.85 -19.23
N THR B 127 -2.43 2.95 -18.51
CA THR B 127 -2.52 2.89 -17.05
C THR B 127 -1.54 3.85 -16.36
N TYR B 128 -1.88 4.25 -15.11
CA TYR B 128 -1.06 5.07 -14.24
C TYR B 128 -1.30 4.58 -12.81
N ASP B 129 -0.23 4.09 -12.17
CA ASP B 129 -0.20 3.55 -10.80
C ASP B 129 -0.95 2.22 -10.74
N ASP B 130 -2.29 2.23 -10.86
CA ASP B 130 -3.14 1.04 -10.88
C ASP B 130 -4.42 1.31 -11.67
N GLY B 131 -4.74 0.42 -12.59
CA GLY B 131 -5.94 0.53 -13.40
C GLY B 131 -6.81 -0.71 -13.40
N ALA B 132 -6.73 -1.55 -12.35
CA ALA B 132 -7.48 -2.81 -12.33
C ALA B 132 -8.34 -3.11 -11.09
N THR B 133 -8.01 -2.57 -9.90
CA THR B 133 -8.72 -2.86 -8.64
C THR B 133 -10.26 -2.70 -8.72
N LYS B 134 -10.75 -1.56 -9.23
CA LYS B 134 -12.18 -1.27 -9.32
C LYS B 134 -12.86 -1.85 -10.57
N LEU B 135 -12.10 -2.48 -11.49
CA LEU B 135 -12.67 -3.07 -12.71
C LEU B 135 -13.64 -4.21 -12.38
N THR B 136 -14.78 -4.20 -13.08
CA THR B 136 -15.83 -5.22 -12.93
C THR B 136 -15.81 -6.07 -14.21
N ASP B 137 -16.61 -7.16 -14.22
CA ASP B 137 -16.73 -8.03 -15.39
C ASP B 137 -17.28 -7.26 -16.58
N GLU B 138 -18.28 -6.37 -16.34
CA GLU B 138 -18.92 -5.51 -17.34
C GLU B 138 -17.90 -4.56 -17.98
N ALA B 139 -17.07 -3.89 -17.15
CA ALA B 139 -16.03 -2.96 -17.60
C ALA B 139 -14.99 -3.68 -18.48
N ARG B 140 -14.53 -4.87 -18.05
CA ARG B 140 -13.56 -5.69 -18.79
C ARG B 140 -14.14 -6.18 -20.12
N ARG B 141 -15.45 -6.51 -20.13
CA ARG B 141 -16.21 -6.96 -21.31
C ARG B 141 -16.27 -5.85 -22.37
N LEU B 142 -16.59 -4.60 -21.94
CA LEU B 142 -16.69 -3.43 -22.82
C LEU B 142 -15.36 -3.07 -23.48
N ILE B 143 -14.23 -3.15 -22.73
CA ILE B 143 -12.89 -2.89 -23.24
C ILE B 143 -12.46 -4.02 -24.21
N ALA B 144 -12.82 -5.28 -23.89
CA ALA B 144 -12.53 -6.45 -24.73
C ALA B 144 -13.22 -6.31 -26.10
N GLU B 145 -14.44 -5.73 -26.11
CA GLU B 145 -15.24 -5.46 -27.32
C GLU B 145 -14.55 -4.44 -28.23
N LEU B 146 -13.66 -3.59 -27.66
CA LEU B 146 -12.89 -2.58 -28.40
C LEU B 146 -11.64 -3.18 -29.07
N GLY B 147 -11.38 -4.46 -28.81
CA GLY B 147 -10.25 -5.20 -29.38
C GLY B 147 -9.16 -5.61 -28.41
N SER B 148 -9.45 -5.55 -27.09
CA SER B 148 -8.47 -5.88 -26.06
C SER B 148 -8.46 -7.35 -25.66
N THR B 149 -7.25 -7.92 -25.57
CA THR B 149 -7.00 -9.31 -25.17
C THR B 149 -6.52 -9.35 -23.71
N SER B 150 -5.69 -8.36 -23.29
CA SER B 150 -5.07 -8.27 -21.97
C SER B 150 -5.95 -7.75 -20.83
N ILE B 151 -7.05 -7.02 -21.13
CA ILE B 151 -7.93 -6.43 -20.10
C ILE B 151 -8.57 -7.49 -19.17
N THR B 152 -8.83 -8.70 -19.69
CA THR B 152 -9.41 -9.81 -18.92
C THR B 152 -8.50 -10.29 -17.79
N SER B 153 -7.18 -10.16 -17.97
CA SER B 153 -6.16 -10.58 -17.00
C SER B 153 -5.44 -9.41 -16.30
N LEU B 154 -5.90 -8.16 -16.51
CA LEU B 154 -5.30 -6.97 -15.89
C LEU B 154 -5.48 -7.00 -14.36
N GLY B 155 -4.35 -7.01 -13.66
CA GLY B 155 -4.30 -7.06 -12.20
C GLY B 155 -3.71 -5.83 -11.56
N PHE B 156 -3.71 -5.80 -10.22
CA PHE B 156 -3.21 -4.71 -9.38
C PHE B 156 -1.81 -4.24 -9.76
N ARG B 157 -1.69 -2.94 -10.10
CA ARG B 157 -0.46 -2.22 -10.46
C ARG B 157 0.20 -2.68 -11.78
N ASP B 158 -0.49 -3.48 -12.61
CA ASP B 158 0.05 -3.90 -13.91
C ASP B 158 0.10 -2.68 -14.83
N ASN B 159 1.13 -2.60 -15.69
CA ASN B 159 1.23 -1.52 -16.67
C ASN B 159 0.66 -2.01 -17.99
N TRP B 160 -0.19 -1.18 -18.62
CA TRP B 160 -0.89 -1.56 -19.84
C TRP B 160 -1.14 -0.37 -20.77
N VAL B 161 -0.87 -0.58 -22.07
CA VAL B 161 -1.12 0.36 -23.15
C VAL B 161 -1.91 -0.36 -24.25
N PHE B 162 -2.94 0.30 -24.78
CA PHE B 162 -3.83 -0.29 -25.76
C PHE B 162 -4.40 0.73 -26.73
N CYS B 163 -4.51 0.35 -28.00
CA CYS B 163 -5.08 1.19 -29.04
C CYS B 163 -6.07 0.36 -29.85
N GLY B 164 -7.35 0.50 -29.53
CA GLY B 164 -8.43 -0.19 -30.21
C GLY B 164 -9.44 0.76 -30.83
N GLY B 165 -10.68 0.30 -30.91
CA GLY B 165 -11.77 1.10 -31.48
C GLY B 165 -13.11 0.42 -31.53
N LYS B 166 -14.15 1.22 -31.78
CA LYS B 166 -15.55 0.79 -31.90
C LYS B 166 -16.06 1.12 -33.30
N GLY B 167 -16.69 0.13 -33.93
CA GLY B 167 -17.27 0.25 -35.27
C GLY B 167 -16.29 0.53 -36.39
N ILE B 168 -15.06 0.00 -36.29
CA ILE B 168 -14.01 0.17 -37.30
C ILE B 168 -13.61 -1.20 -37.84
N LYS B 169 -13.76 -1.41 -39.16
CA LYS B 169 -13.38 -2.68 -39.79
C LYS B 169 -11.87 -2.84 -39.87
N THR B 170 -11.34 -3.76 -39.04
CA THR B 170 -9.91 -4.07 -38.97
C THR B 170 -9.63 -5.32 -39.82
N LYS B 171 -8.50 -5.32 -40.55
CA LYS B 171 -8.07 -6.46 -41.36
C LYS B 171 -7.60 -7.58 -40.45
N SER B 172 -7.85 -8.83 -40.85
CA SER B 172 -7.51 -10.03 -40.08
C SER B 172 -6.00 -10.20 -39.85
N PRO B 173 -5.59 -10.57 -38.61
CA PRO B 173 -4.16 -10.81 -38.36
C PRO B 173 -3.71 -12.19 -38.86
N PHE B 174 -4.68 -13.05 -39.24
CA PHE B 174 -4.44 -14.40 -39.71
C PHE B 174 -4.51 -14.46 -41.23
N GLU B 175 -3.35 -14.25 -41.88
CA GLU B 175 -3.18 -14.26 -43.33
C GLU B 175 -1.71 -14.46 -43.68
N GLN B 176 -1.45 -15.43 -44.57
CA GLN B 176 -0.11 -15.76 -45.06
C GLN B 176 -0.20 -16.02 -46.55
N HIS B 177 0.70 -15.40 -47.34
CA HIS B 177 0.67 -15.50 -48.80
C HIS B 177 2.07 -15.58 -49.40
N ILE B 178 2.32 -16.64 -50.21
CA ILE B 178 3.59 -16.84 -50.91
C ILE B 178 3.33 -16.80 -52.41
N LYS B 179 3.96 -15.85 -53.11
CA LYS B 179 3.80 -15.66 -54.54
C LYS B 179 4.49 -16.72 -55.36
N ASN B 180 3.90 -17.04 -56.53
CA ASN B 180 4.43 -17.99 -57.49
C ASN B 180 5.52 -17.28 -58.28
N ASN B 181 6.78 -17.68 -58.05
CA ASN B 181 7.98 -17.11 -58.70
C ASN B 181 9.01 -18.22 -58.91
N LYS B 182 9.14 -18.61 -60.18
CA LYS B 182 9.94 -19.75 -60.65
C LYS B 182 11.35 -19.86 -60.01
N GLU B 183 11.96 -18.73 -59.95
CA GLU B 183 13.23 -18.47 -59.39
C GLU B 183 13.35 -19.03 -57.98
N THR B 184 12.35 -18.80 -57.18
CA THR B 184 12.38 -19.11 -55.77
C THR B 184 11.49 -20.32 -55.39
N ASN B 185 10.69 -20.77 -56.32
CA ASN B 185 9.71 -21.85 -56.12
C ASN B 185 10.36 -23.18 -55.71
N LYS B 186 9.92 -23.74 -54.57
CA LYS B 186 10.40 -25.02 -54.03
C LYS B 186 10.11 -26.17 -55.00
N TYR B 187 8.93 -26.15 -55.64
CA TYR B 187 8.51 -27.18 -56.60
C TYR B 187 8.64 -26.75 -58.06
N GLU B 188 9.39 -25.64 -58.31
CA GLU B 188 9.69 -25.02 -59.61
C GLU B 188 8.43 -24.41 -60.26
N GLY B 189 7.45 -25.25 -60.58
CA GLY B 189 6.19 -24.82 -61.18
C GLY B 189 5.24 -24.18 -60.18
N TRP B 190 5.43 -24.51 -58.88
CA TRP B 190 4.61 -24.02 -57.76
C TRP B 190 5.48 -23.62 -56.56
N PRO B 191 5.03 -22.64 -55.72
CA PRO B 191 5.82 -22.30 -54.52
C PRO B 191 5.62 -23.31 -53.38
N GLU B 192 6.35 -23.12 -52.27
CA GLU B 192 6.26 -23.96 -51.08
C GLU B 192 4.92 -23.80 -50.35
N VAL B 193 4.56 -24.78 -49.50
CA VAL B 193 3.35 -24.79 -48.69
C VAL B 193 3.40 -23.61 -47.71
N VAL B 194 2.30 -22.86 -47.59
CA VAL B 194 2.19 -21.77 -46.63
C VAL B 194 1.38 -22.29 -45.43
N GLU B 195 1.97 -22.19 -44.21
CA GLU B 195 1.37 -22.68 -42.97
C GLU B 195 1.04 -21.53 -42.01
N MET B 196 0.00 -21.72 -41.17
CA MET B 196 -0.47 -20.70 -40.22
C MET B 196 -1.20 -21.30 -39.02
N GLU B 197 -1.00 -20.70 -37.84
CA GLU B 197 -1.66 -21.06 -36.59
C GLU B 197 -1.93 -19.81 -35.72
N GLY B 198 -3.01 -19.84 -34.94
CA GLY B 198 -3.39 -18.72 -34.08
C GLY B 198 -4.60 -18.98 -33.20
N CYS B 199 -5.19 -17.89 -32.64
CA CYS B 199 -6.34 -17.94 -31.74
C CYS B 199 -7.46 -17.00 -32.20
N ILE B 200 -8.61 -17.56 -32.60
CA ILE B 200 -9.77 -16.81 -33.07
C ILE B 200 -10.65 -16.40 -31.88
N PRO B 201 -10.99 -15.10 -31.70
CA PRO B 201 -11.84 -14.71 -30.57
C PRO B 201 -13.28 -15.19 -30.71
N GLN B 202 -13.81 -15.81 -29.63
CA GLN B 202 -15.18 -16.33 -29.56
C GLN B 202 -16.15 -15.15 -29.38
N LYS B 203 -17.22 -15.10 -30.18
CA LYS B 203 -18.22 -14.04 -30.07
C LYS B 203 -19.38 -14.45 -29.16
N TYR C 34 -1.13 -30.08 -27.59
CA TYR C 34 -2.14 -29.04 -27.71
C TYR C 34 -3.10 -29.28 -28.90
N LYS C 35 -4.25 -28.57 -28.91
CA LYS C 35 -5.28 -28.65 -29.95
C LYS C 35 -4.72 -28.27 -31.32
N CYS C 36 -5.10 -29.02 -32.38
CA CYS C 36 -4.66 -28.84 -33.77
C CYS C 36 -3.15 -29.09 -33.98
N GLY C 37 -2.41 -29.28 -32.88
CA GLY C 37 -0.97 -29.49 -32.89
C GLY C 37 -0.19 -28.19 -32.89
N ILE C 38 -0.76 -27.14 -32.26
CA ILE C 38 -0.15 -25.82 -32.15
C ILE C 38 0.94 -25.78 -31.06
N SER C 39 1.88 -24.83 -31.17
CA SER C 39 3.02 -24.64 -30.27
C SER C 39 2.65 -24.35 -28.80
N LYS C 40 1.69 -23.43 -28.57
CA LYS C 40 1.25 -23.02 -27.24
C LYS C 40 -0.28 -22.82 -27.18
N ALA C 41 -0.90 -23.19 -26.03
CA ALA C 41 -2.33 -23.10 -25.78
C ALA C 41 -2.88 -21.68 -25.88
N CYS C 42 -4.08 -21.55 -26.47
CA CYS C 42 -4.79 -20.29 -26.68
C CYS C 42 -5.37 -19.70 -25.39
N PRO C 43 -5.48 -18.34 -25.25
CA PRO C 43 -6.10 -17.77 -24.05
C PRO C 43 -7.58 -18.15 -23.93
N GLU C 44 -8.17 -17.99 -22.74
CA GLU C 44 -9.57 -18.34 -22.48
C GLU C 44 -10.55 -17.72 -23.47
N LYS C 45 -11.55 -18.50 -23.91
CA LYS C 45 -12.61 -18.15 -24.86
C LYS C 45 -12.04 -17.78 -26.24
N HIS C 46 -11.13 -18.64 -26.75
CA HIS C 46 -10.48 -18.54 -28.06
C HIS C 46 -10.40 -19.92 -28.72
N PHE C 47 -10.60 -19.97 -30.04
CA PHE C 47 -10.56 -21.21 -30.81
C PHE C 47 -9.20 -21.44 -31.41
N ALA C 48 -8.59 -22.60 -31.12
CA ALA C 48 -7.29 -22.99 -31.64
C ALA C 48 -7.43 -23.44 -33.10
N PHE C 49 -6.50 -23.01 -33.96
CA PHE C 49 -6.54 -23.39 -35.38
C PHE C 49 -5.14 -23.58 -35.96
N LYS C 50 -5.04 -24.47 -36.95
CA LYS C 50 -3.82 -24.76 -37.71
C LYS C 50 -4.24 -25.09 -39.14
N MET C 51 -3.71 -24.33 -40.10
CA MET C 51 -4.04 -24.53 -41.50
C MET C 51 -2.83 -24.41 -42.42
N ALA C 52 -2.88 -25.14 -43.54
CA ALA C 52 -1.83 -25.16 -44.55
C ALA C 52 -2.44 -25.23 -45.93
N SER C 53 -1.81 -24.56 -46.90
CA SER C 53 -2.25 -24.60 -48.29
C SER C 53 -1.80 -25.94 -48.89
N GLY C 54 -2.18 -26.19 -50.13
CA GLY C 54 -1.75 -27.39 -50.84
C GLY C 54 -0.30 -27.30 -51.26
N ALA C 55 0.29 -28.44 -51.64
CA ALA C 55 1.66 -28.54 -52.13
C ALA C 55 1.54 -28.89 -53.61
N ALA C 56 1.76 -27.87 -54.48
CA ALA C 56 1.62 -27.97 -55.94
C ALA C 56 0.22 -28.52 -56.30
N ASN C 57 0.14 -29.55 -57.16
CA ASN C 57 -1.11 -30.21 -57.53
C ASN C 57 -1.08 -31.66 -57.02
N VAL C 58 -0.28 -31.91 -55.95
CA VAL C 58 -0.02 -33.23 -55.39
C VAL C 58 -0.67 -33.46 -54.02
N VAL C 59 -0.39 -32.58 -53.03
CA VAL C 59 -0.91 -32.70 -51.66
C VAL C 59 -1.95 -31.62 -51.41
N GLY C 60 -3.13 -32.02 -50.96
CA GLY C 60 -4.24 -31.11 -50.66
C GLY C 60 -4.01 -30.23 -49.45
N PRO C 61 -4.79 -29.13 -49.30
CA PRO C 61 -4.64 -28.28 -48.12
C PRO C 61 -5.23 -28.93 -46.87
N LYS C 62 -4.95 -28.38 -45.70
CA LYS C 62 -5.46 -28.89 -44.43
C LYS C 62 -5.94 -27.75 -43.55
N ILE C 63 -7.18 -27.87 -43.03
CA ILE C 63 -7.79 -26.90 -42.12
C ILE C 63 -8.24 -27.64 -40.87
N CYS C 64 -7.72 -27.22 -39.70
CA CYS C 64 -8.03 -27.82 -38.41
C CYS C 64 -8.45 -26.72 -37.42
N LEU C 65 -9.55 -26.95 -36.69
CA LEU C 65 -10.07 -26.02 -35.68
C LEU C 65 -10.55 -26.78 -34.46
N GLU C 66 -10.05 -26.39 -33.26
CA GLU C 66 -10.35 -27.00 -31.95
C GLU C 66 -10.10 -28.53 -31.95
N ASP C 67 -8.93 -28.93 -32.52
CA ASP C 67 -8.42 -30.30 -32.68
C ASP C 67 -9.28 -31.17 -33.63
N ASN C 68 -10.20 -30.55 -34.37
CA ASN C 68 -11.05 -31.24 -35.35
C ASN C 68 -10.59 -30.92 -36.76
N VAL C 69 -10.28 -31.95 -37.56
CA VAL C 69 -9.85 -31.78 -38.95
C VAL C 69 -11.11 -31.46 -39.78
N LEU C 70 -11.20 -30.22 -40.26
CA LEU C 70 -12.33 -29.72 -41.03
C LEU C 70 -12.22 -30.12 -42.50
N MET C 71 -11.03 -29.89 -43.11
CA MET C 71 -10.73 -30.20 -44.51
C MET C 71 -9.31 -30.75 -44.62
N SER C 72 -9.12 -31.81 -45.45
CA SER C 72 -7.82 -32.45 -45.73
C SER C 72 -7.93 -33.43 -46.89
N GLY C 73 -6.76 -33.84 -47.42
CA GLY C 73 -6.65 -34.82 -48.50
C GLY C 73 -7.11 -36.20 -48.05
N VAL C 74 -6.81 -36.54 -46.78
CA VAL C 74 -7.19 -37.81 -46.12
C VAL C 74 -8.72 -37.87 -45.97
N LYS C 75 -9.34 -36.75 -45.55
CA LYS C 75 -10.80 -36.60 -45.40
C LYS C 75 -11.52 -36.63 -46.75
N ASN C 76 -10.75 -36.40 -47.85
CA ASN C 76 -11.19 -36.40 -49.25
C ASN C 76 -12.30 -35.36 -49.52
N ASN C 77 -12.20 -34.18 -48.89
CA ASN C 77 -13.17 -33.10 -49.07
C ASN C 77 -12.47 -31.80 -49.54
N VAL C 78 -11.32 -31.97 -50.23
CA VAL C 78 -10.52 -30.87 -50.79
C VAL C 78 -10.36 -31.05 -52.31
N GLY C 79 -10.06 -29.95 -52.99
CA GLY C 79 -9.86 -29.96 -54.44
C GLY C 79 -9.18 -28.68 -54.91
N ARG C 80 -8.84 -28.64 -56.21
CA ARG C 80 -8.19 -27.49 -56.84
C ARG C 80 -9.03 -26.22 -56.66
N GLY C 81 -8.36 -25.11 -56.36
CA GLY C 81 -8.98 -23.81 -56.15
C GLY C 81 -8.93 -23.33 -54.71
N ILE C 82 -9.98 -22.63 -54.28
CA ILE C 82 -10.09 -22.11 -52.91
C ILE C 82 -10.93 -23.09 -52.10
N ASN C 83 -10.38 -23.55 -50.97
CA ASN C 83 -11.00 -24.48 -50.03
C ASN C 83 -11.45 -23.66 -48.83
N ILE C 84 -12.78 -23.61 -48.60
CA ILE C 84 -13.42 -22.79 -47.56
C ILE C 84 -14.12 -23.62 -46.50
N ALA C 85 -13.87 -23.31 -45.22
CA ALA C 85 -14.51 -23.91 -44.06
C ALA C 85 -15.23 -22.81 -43.27
N LEU C 86 -16.56 -22.95 -43.11
CA LEU C 86 -17.39 -22.01 -42.35
C LEU C 86 -17.57 -22.56 -40.94
N VAL C 87 -17.24 -21.75 -39.93
CA VAL C 87 -17.28 -22.14 -38.51
C VAL C 87 -18.18 -21.19 -37.71
N ASN C 88 -18.99 -21.75 -36.79
CA ASN C 88 -19.86 -20.97 -35.90
C ASN C 88 -18.95 -20.21 -34.93
N GLY C 89 -18.99 -18.88 -35.00
CA GLY C 89 -18.17 -17.99 -34.19
C GLY C 89 -18.39 -18.05 -32.69
N LYS C 90 -19.47 -18.71 -32.24
CA LYS C 90 -19.81 -18.85 -30.82
C LYS C 90 -19.42 -20.21 -30.24
N THR C 91 -19.72 -21.31 -30.98
CA THR C 91 -19.48 -22.69 -30.52
C THR C 91 -18.18 -23.31 -31.05
N GLY C 92 -17.72 -22.86 -32.21
CA GLY C 92 -16.52 -23.40 -32.85
C GLY C 92 -16.82 -24.60 -33.73
N GLU C 93 -18.11 -24.95 -33.88
CA GLU C 93 -18.56 -26.08 -34.69
C GLU C 93 -18.63 -25.71 -36.17
N VAL C 94 -18.40 -26.70 -37.04
CA VAL C 94 -18.43 -26.55 -38.50
C VAL C 94 -19.85 -26.34 -39.00
N ILE C 95 -20.03 -25.36 -39.89
CA ILE C 95 -21.32 -25.07 -40.53
C ILE C 95 -21.33 -25.78 -41.89
N ASP C 96 -20.29 -25.54 -42.72
CA ASP C 96 -20.14 -26.11 -44.05
C ASP C 96 -18.70 -26.05 -44.54
N THR C 97 -18.30 -26.98 -45.41
CA THR C 97 -16.98 -27.04 -46.06
C THR C 97 -17.22 -27.17 -47.56
N LYS C 98 -16.56 -26.32 -48.36
CA LYS C 98 -16.69 -26.32 -49.82
C LYS C 98 -15.38 -25.97 -50.49
N PHE C 99 -15.23 -26.38 -51.76
CA PHE C 99 -14.08 -26.03 -52.57
C PHE C 99 -14.54 -25.61 -53.96
N PHE C 100 -13.98 -24.51 -54.47
CA PHE C 100 -14.36 -23.96 -55.77
C PHE C 100 -13.16 -23.89 -56.69
N ASP C 101 -13.25 -24.56 -57.85
CA ASP C 101 -12.18 -24.61 -58.85
C ASP C 101 -11.99 -23.26 -59.50
N MET C 102 -10.94 -22.55 -59.09
CA MET C 102 -10.64 -21.21 -59.62
C MET C 102 -9.72 -21.25 -60.87
N TRP C 103 -9.54 -22.43 -61.47
CA TRP C 103 -8.80 -22.60 -62.71
C TRP C 103 -9.75 -23.01 -63.84
N GLY C 104 -10.45 -24.13 -63.65
CA GLY C 104 -11.37 -24.68 -64.65
C GLY C 104 -12.84 -24.67 -64.30
N GLY C 105 -13.20 -23.98 -63.21
CA GLY C 105 -14.59 -23.88 -62.76
C GLY C 105 -15.23 -22.52 -62.95
N ASP C 106 -16.50 -22.42 -62.55
CA ASP C 106 -17.31 -21.20 -62.65
C ASP C 106 -17.21 -20.40 -61.36
N VAL C 107 -17.02 -19.07 -61.48
CA VAL C 107 -16.90 -18.17 -60.33
C VAL C 107 -18.29 -17.85 -59.71
N ALA C 108 -19.37 -17.90 -60.51
CA ALA C 108 -20.74 -17.60 -60.08
C ALA C 108 -21.20 -18.41 -58.83
N PRO C 109 -21.04 -19.76 -58.74
CA PRO C 109 -21.45 -20.46 -57.51
C PRO C 109 -20.60 -20.10 -56.29
N PHE C 110 -19.33 -19.68 -56.51
CA PHE C 110 -18.42 -19.25 -55.44
C PHE C 110 -18.88 -17.91 -54.85
N ILE C 111 -19.24 -16.95 -55.74
CA ILE C 111 -19.76 -15.62 -55.35
C ILE C 111 -21.08 -15.80 -54.57
N GLU C 112 -21.95 -16.73 -55.05
CA GLU C 112 -23.23 -17.11 -54.44
C GLU C 112 -23.00 -17.65 -53.03
N PHE C 113 -21.95 -18.50 -52.84
CA PHE C 113 -21.57 -19.10 -51.56
C PHE C 113 -21.05 -18.04 -50.57
N LEU C 114 -20.28 -17.05 -51.08
CA LEU C 114 -19.72 -15.97 -50.27
C LEU C 114 -20.81 -15.04 -49.73
N LYS C 115 -21.85 -14.80 -50.54
CA LYS C 115 -23.01 -13.96 -50.20
C LYS C 115 -23.92 -14.61 -49.16
N THR C 116 -23.96 -15.96 -49.10
CA THR C 116 -24.79 -16.70 -48.15
C THR C 116 -24.21 -16.72 -46.73
N ILE C 117 -22.91 -16.36 -46.56
CA ILE C 117 -22.24 -16.32 -45.25
C ILE C 117 -22.96 -15.31 -44.32
N GLN C 118 -23.41 -15.78 -43.15
CA GLN C 118 -24.14 -14.96 -42.18
C GLN C 118 -23.21 -14.34 -41.13
N ASP C 119 -23.73 -13.38 -40.34
CA ASP C 119 -22.99 -12.73 -39.25
C ASP C 119 -22.69 -13.74 -38.13
N GLY C 120 -21.51 -13.62 -37.54
CA GLY C 120 -21.04 -14.51 -36.49
C GLY C 120 -20.44 -15.79 -37.02
N THR C 121 -19.85 -15.73 -38.22
CA THR C 121 -19.22 -16.88 -38.88
C THR C 121 -17.73 -16.65 -39.11
N VAL C 122 -16.90 -17.59 -38.66
CA VAL C 122 -15.44 -17.59 -38.86
C VAL C 122 -15.22 -18.27 -40.22
N VAL C 123 -14.48 -17.59 -41.11
CA VAL C 123 -14.22 -18.09 -42.48
C VAL C 123 -12.74 -18.43 -42.66
N LEU C 124 -12.44 -19.73 -42.90
CA LEU C 124 -11.09 -20.23 -43.12
C LEU C 124 -10.91 -20.63 -44.58
N MET C 125 -9.96 -20.01 -45.29
CA MET C 125 -9.69 -20.24 -46.71
C MET C 125 -8.26 -20.68 -46.98
N ALA C 126 -8.09 -21.71 -47.85
CA ALA C 126 -6.78 -22.25 -48.23
C ALA C 126 -6.75 -22.62 -49.71
N THR C 127 -5.66 -22.28 -50.40
CA THR C 127 -5.50 -22.58 -51.83
C THR C 127 -4.94 -23.99 -52.07
N TYR C 128 -5.24 -24.54 -53.26
CA TYR C 128 -4.74 -25.82 -53.75
C TYR C 128 -4.53 -25.67 -55.25
N ASP C 129 -3.26 -25.82 -55.71
CA ASP C 129 -2.81 -25.72 -57.10
C ASP C 129 -2.90 -24.26 -57.59
N ASP C 130 -4.12 -23.74 -57.80
CA ASP C 130 -4.38 -22.35 -58.21
C ASP C 130 -5.75 -21.91 -57.72
N GLY C 131 -5.79 -20.76 -57.07
CA GLY C 131 -7.03 -20.18 -56.58
C GLY C 131 -7.28 -18.75 -57.03
N ALA C 132 -6.70 -18.33 -58.17
CA ALA C 132 -6.84 -16.93 -58.60
C ALA C 132 -7.30 -16.67 -60.04
N THR C 133 -7.06 -17.59 -60.99
CA THR C 133 -7.38 -17.41 -62.42
C THR C 133 -8.84 -16.95 -62.67
N LYS C 134 -9.83 -17.65 -62.10
CA LYS C 134 -11.25 -17.35 -62.30
C LYS C 134 -11.81 -16.24 -61.38
N LEU C 135 -10.98 -15.72 -60.44
CA LEU C 135 -11.42 -14.65 -59.54
C LEU C 135 -11.76 -13.37 -60.30
N THR C 136 -12.89 -12.74 -59.92
CA THR C 136 -13.36 -11.47 -60.49
C THR C 136 -13.23 -10.39 -59.41
N ASP C 137 -13.47 -9.10 -59.76
CA ASP C 137 -13.41 -7.98 -58.81
C ASP C 137 -14.41 -8.16 -57.68
N GLU C 138 -15.63 -8.68 -58.00
CA GLU C 138 -16.71 -8.96 -57.06
C GLU C 138 -16.30 -10.03 -56.03
N ALA C 139 -15.65 -11.12 -56.50
CA ALA C 139 -15.18 -12.21 -55.64
C ALA C 139 -14.07 -11.72 -54.69
N ARG C 140 -13.12 -10.93 -55.21
CA ARG C 140 -12.01 -10.36 -54.42
C ARG C 140 -12.52 -9.36 -53.39
N ARG C 141 -13.56 -8.57 -53.75
CA ARG C 141 -14.21 -7.58 -52.89
C ARG C 141 -14.87 -8.24 -51.68
N LEU C 142 -15.62 -9.34 -51.92
CA LEU C 142 -16.34 -10.10 -50.89
C LEU C 142 -15.39 -10.74 -49.88
N ILE C 143 -14.24 -11.29 -50.35
CA ILE C 143 -13.21 -11.89 -49.50
C ILE C 143 -12.47 -10.80 -48.70
N ALA C 144 -12.22 -9.62 -49.32
CA ALA C 144 -11.59 -8.47 -48.67
C ALA C 144 -12.46 -7.96 -47.51
N GLU C 145 -13.80 -8.01 -47.66
CA GLU C 145 -14.79 -7.61 -46.66
C GLU C 145 -14.73 -8.53 -45.43
N LEU C 146 -14.23 -9.77 -45.60
CA LEU C 146 -14.06 -10.76 -44.52
C LEU C 146 -12.78 -10.53 -43.70
N GLY C 147 -11.97 -9.56 -44.14
CA GLY C 147 -10.73 -9.17 -43.46
C GLY C 147 -9.45 -9.50 -44.20
N SER C 148 -9.55 -9.80 -45.51
CA SER C 148 -8.40 -10.15 -46.33
C SER C 148 -7.71 -8.95 -46.98
N THR C 149 -6.37 -8.93 -46.90
CA THR C 149 -5.49 -7.90 -47.48
C THR C 149 -4.83 -8.45 -48.77
N SER C 150 -4.45 -9.74 -48.77
CA SER C 150 -3.75 -10.41 -49.87
C SER C 150 -4.61 -10.85 -51.06
N ILE C 151 -5.94 -11.01 -50.90
CA ILE C 151 -6.84 -11.46 -51.97
C ILE C 151 -6.83 -10.55 -53.21
N THR C 152 -6.64 -9.23 -53.02
CA THR C 152 -6.61 -8.25 -54.12
C THR C 152 -5.41 -8.47 -55.06
N SER C 153 -4.29 -9.01 -54.53
CA SER C 153 -3.06 -9.28 -55.29
C SER C 153 -2.80 -10.78 -55.56
N LEU C 154 -3.78 -11.66 -55.23
CA LEU C 154 -3.65 -13.11 -55.45
C LEU C 154 -3.57 -13.43 -56.94
N GLY C 155 -2.45 -14.03 -57.34
CA GLY C 155 -2.16 -14.40 -58.73
C GLY C 155 -2.06 -15.89 -58.96
N PHE C 156 -1.88 -16.26 -60.24
CA PHE C 156 -1.78 -17.64 -60.71
C PHE C 156 -0.77 -18.49 -59.92
N ARG C 157 -1.27 -19.60 -59.34
CA ARG C 157 -0.53 -20.60 -58.55
C ARG C 157 0.08 -20.08 -57.23
N ASP C 158 -0.32 -18.88 -56.75
CA ASP C 158 0.15 -18.37 -55.46
C ASP C 158 -0.46 -19.24 -54.34
N ASN C 159 0.29 -19.47 -53.26
CA ASN C 159 -0.21 -20.21 -52.10
C ASN C 159 -0.71 -19.20 -51.07
N TRP C 160 -1.91 -19.44 -50.53
CA TRP C 160 -2.57 -18.51 -49.60
C TRP C 160 -3.42 -19.22 -48.56
N VAL C 161 -3.28 -18.79 -47.30
CA VAL C 161 -4.06 -19.23 -46.15
C VAL C 161 -4.62 -18.00 -45.44
N PHE C 162 -5.90 -18.06 -45.06
CA PHE C 162 -6.58 -16.93 -44.44
C PHE C 162 -7.66 -17.36 -43.47
N CYS C 163 -7.77 -16.64 -42.35
CA CYS C 163 -8.81 -16.87 -41.35
C CYS C 163 -9.44 -15.55 -40.96
N GLY C 164 -10.60 -15.29 -41.54
CA GLY C 164 -11.36 -14.07 -41.29
C GLY C 164 -12.75 -14.36 -40.77
N GLY C 165 -13.68 -13.47 -41.08
CA GLY C 165 -15.07 -13.61 -40.65
C GLY C 165 -15.98 -12.46 -41.01
N LYS C 166 -17.29 -12.68 -40.83
CA LYS C 166 -18.34 -11.69 -41.04
C LYS C 166 -19.04 -11.52 -39.69
N GLY C 167 -19.07 -10.29 -39.20
CA GLY C 167 -19.67 -9.97 -37.91
C GLY C 167 -18.88 -10.52 -36.75
N ILE C 168 -17.55 -10.62 -36.91
CA ILE C 168 -16.61 -11.13 -35.91
C ILE C 168 -15.67 -10.00 -35.48
N LYS C 169 -15.68 -9.67 -34.18
CA LYS C 169 -14.83 -8.64 -33.59
C LYS C 169 -13.40 -9.16 -33.51
N THR C 170 -12.48 -8.48 -34.21
CA THR C 170 -11.06 -8.83 -34.28
C THR C 170 -10.26 -8.06 -33.24
N LYS C 171 -9.30 -8.75 -32.60
CA LYS C 171 -8.44 -8.17 -31.57
C LYS C 171 -7.44 -7.22 -32.19
N SER C 172 -7.13 -6.13 -31.48
CA SER C 172 -6.21 -5.09 -31.92
C SER C 172 -4.76 -5.57 -31.94
N PRO C 173 -3.95 -5.20 -32.98
CA PRO C 173 -2.54 -5.57 -32.97
C PRO C 173 -1.69 -4.63 -32.09
N PHE C 174 -2.33 -3.56 -31.55
CA PHE C 174 -1.68 -2.56 -30.70
C PHE C 174 -2.08 -2.72 -29.24
N GLU C 175 -1.31 -3.54 -28.50
CA GLU C 175 -1.53 -3.85 -27.09
C GLU C 175 -0.23 -4.40 -26.47
N GLN C 176 0.15 -3.84 -25.32
CA GLN C 176 1.33 -4.23 -24.55
C GLN C 176 0.97 -4.25 -23.08
N HIS C 177 1.34 -5.33 -22.37
CA HIS C 177 0.99 -5.51 -20.96
C HIS C 177 2.12 -6.17 -20.17
N ILE C 178 2.51 -5.54 -19.04
CA ILE C 178 3.53 -6.04 -18.14
C ILE C 178 2.92 -6.21 -16.74
N LYS C 179 2.98 -7.45 -16.21
CA LYS C 179 2.42 -7.79 -14.90
C LYS C 179 3.28 -7.30 -13.74
N ASN C 180 2.61 -6.87 -12.67
CA ASN C 180 3.22 -6.42 -11.42
C ASN C 180 3.70 -7.66 -10.65
N ASN C 181 5.03 -7.79 -10.51
CA ASN C 181 5.67 -8.91 -9.82
C ASN C 181 6.87 -8.36 -9.06
N LYS C 182 6.77 -8.31 -7.71
CA LYS C 182 7.80 -7.81 -6.79
C LYS C 182 9.22 -8.33 -7.04
N GLU C 183 9.34 -9.53 -7.62
CA GLU C 183 10.63 -10.13 -7.90
C GLU C 183 11.31 -9.58 -9.13
N THR C 184 10.53 -9.19 -10.13
CA THR C 184 11.05 -8.65 -11.39
C THR C 184 10.82 -7.13 -11.58
N ASN C 185 10.02 -6.49 -10.70
CA ASN C 185 9.67 -5.06 -10.78
C ASN C 185 10.87 -4.11 -10.76
N LYS C 186 10.96 -3.22 -11.77
CA LYS C 186 12.01 -2.20 -11.90
C LYS C 186 11.97 -1.21 -10.73
N TYR C 187 10.75 -0.82 -10.30
CA TYR C 187 10.55 0.12 -9.20
C TYR C 187 10.14 -0.57 -7.88
N GLU C 188 10.32 -1.91 -7.81
CA GLU C 188 10.02 -2.80 -6.68
C GLU C 188 8.51 -2.91 -6.39
N GLY C 189 7.87 -1.78 -6.03
CA GLY C 189 6.44 -1.73 -5.77
C GLY C 189 5.61 -1.73 -7.04
N TRP C 190 6.21 -1.29 -8.17
CA TRP C 190 5.57 -1.19 -9.48
C TRP C 190 6.48 -1.72 -10.60
N PRO C 191 5.93 -2.27 -11.71
CA PRO C 191 6.80 -2.72 -12.81
C PRO C 191 7.28 -1.54 -13.68
N GLU C 192 8.12 -1.84 -14.68
CA GLU C 192 8.64 -0.83 -15.62
C GLU C 192 7.54 -0.28 -16.54
N VAL C 193 7.78 0.91 -17.12
CA VAL C 193 6.81 1.54 -18.01
C VAL C 193 6.75 0.72 -19.32
N VAL C 194 5.53 0.51 -19.82
CA VAL C 194 5.28 -0.22 -21.06
C VAL C 194 5.08 0.80 -22.19
N GLU C 195 5.87 0.67 -23.26
CA GLU C 195 5.87 1.58 -24.41
C GLU C 195 5.36 0.92 -25.68
N MET C 196 4.73 1.73 -26.56
CA MET C 196 4.17 1.26 -27.83
C MET C 196 4.07 2.37 -28.87
N GLU C 197 4.36 2.02 -30.13
CA GLU C 197 4.26 2.89 -31.30
C GLU C 197 3.80 2.10 -32.53
N GLY C 198 3.08 2.77 -33.43
CA GLY C 198 2.58 2.14 -34.65
C GLY C 198 1.79 3.05 -35.56
N CYS C 199 1.06 2.44 -36.53
CA CYS C 199 0.26 3.13 -37.54
C CYS C 199 -1.18 2.60 -37.57
N ILE C 200 -2.15 3.43 -37.18
CA ILE C 200 -3.58 3.05 -37.15
C ILE C 200 -4.20 3.32 -38.53
N PRO C 201 -4.86 2.32 -39.18
CA PRO C 201 -5.48 2.58 -40.48
C PRO C 201 -6.68 3.54 -40.42
N GLN C 202 -6.68 4.54 -41.31
CA GLN C 202 -7.72 5.57 -41.45
C GLN C 202 -9.00 4.96 -42.02
N TYR D 34 20.98 24.94 29.33
CA TYR D 34 19.62 24.43 29.22
C TYR D 34 18.64 25.15 30.16
N LYS D 35 17.33 25.01 29.90
CA LYS D 35 16.24 25.62 30.70
C LYS D 35 16.29 25.13 32.14
N CYS D 36 16.15 26.07 33.12
CA CYS D 36 16.20 25.83 34.57
C CYS D 36 17.62 25.46 35.09
N GLY D 37 18.55 25.23 34.16
CA GLY D 37 19.93 24.85 34.47
C GLY D 37 20.09 23.35 34.63
N ILE D 38 19.28 22.56 33.90
CA ILE D 38 19.27 21.09 33.95
C ILE D 38 20.43 20.49 33.12
N SER D 39 20.76 19.20 33.36
CA SER D 39 21.84 18.47 32.70
C SER D 39 21.61 18.14 31.22
N LYS D 40 20.42 17.64 30.88
CA LYS D 40 20.08 17.25 29.50
C LYS D 40 18.84 17.96 29.00
N ALA D 41 18.80 18.29 27.69
CA ALA D 41 17.67 18.96 27.04
C ALA D 41 16.45 18.04 27.06
N CYS D 42 15.29 18.58 27.46
CA CYS D 42 14.04 17.83 27.53
C CYS D 42 13.52 17.48 26.13
N PRO D 43 12.90 16.27 25.94
CA PRO D 43 12.36 15.93 24.61
C PRO D 43 11.21 16.84 24.21
N GLU D 44 10.82 16.86 22.92
CA GLU D 44 9.74 17.69 22.39
C GLU D 44 8.43 17.50 23.17
N LYS D 45 7.67 18.60 23.36
CA LYS D 45 6.38 18.65 24.09
C LYS D 45 6.54 18.21 25.57
N HIS D 46 7.60 18.73 26.22
CA HIS D 46 7.94 18.47 27.62
C HIS D 46 8.43 19.76 28.30
N PHE D 47 8.01 19.97 29.56
CA PHE D 47 8.39 21.15 30.34
C PHE D 47 9.59 20.83 31.23
N ALA D 48 10.66 21.62 31.08
CA ALA D 48 11.88 21.47 31.87
C ALA D 48 11.64 22.04 33.27
N PHE D 49 12.13 21.34 34.30
CA PHE D 49 11.99 21.79 35.68
C PHE D 49 13.20 21.44 36.55
N LYS D 50 13.47 22.28 37.56
CA LYS D 50 14.53 22.11 38.55
C LYS D 50 14.01 22.67 39.87
N MET D 51 14.00 21.84 40.91
CA MET D 51 13.52 22.25 42.22
C MET D 51 14.37 21.72 43.37
N ALA D 52 14.40 22.49 44.46
CA ALA D 52 15.15 22.15 45.65
C ALA D 52 14.36 22.56 46.88
N SER D 53 14.46 21.77 47.96
CA SER D 53 13.81 22.08 49.23
C SER D 53 14.64 23.17 49.92
N GLY D 54 14.16 23.64 51.07
CA GLY D 54 14.89 24.62 51.85
C GLY D 54 16.06 23.98 52.57
N ALA D 55 16.97 24.82 53.08
CA ALA D 55 18.15 24.39 53.84
C ALA D 55 17.91 24.88 55.26
N ALA D 56 17.51 23.94 56.16
CA ALA D 56 17.14 24.20 57.56
C ALA D 56 16.05 25.30 57.62
N ASN D 57 16.24 26.34 58.46
CA ASN D 57 15.32 27.47 58.56
C ASN D 57 16.06 28.74 58.08
N VAL D 58 17.07 28.56 57.21
CA VAL D 58 17.97 29.62 56.72
C VAL D 58 17.73 29.98 55.24
N VAL D 59 17.81 28.98 54.33
CA VAL D 59 17.66 29.18 52.89
C VAL D 59 16.34 28.59 52.42
N GLY D 60 15.54 29.41 51.74
CA GLY D 60 14.24 29.01 51.22
C GLY D 60 14.32 28.01 50.07
N PRO D 61 13.20 27.32 49.76
CA PRO D 61 13.22 26.39 48.62
C PRO D 61 13.20 27.13 47.29
N LYS D 62 13.45 26.42 46.19
CA LYS D 62 13.46 27.01 44.86
C LYS D 62 12.73 26.11 43.88
N ILE D 63 11.78 26.68 43.10
CA ILE D 63 11.01 25.98 42.08
C ILE D 63 11.15 26.73 40.78
N CYS D 64 11.68 26.07 39.74
CA CYS D 64 11.89 26.65 38.42
C CYS D 64 11.26 25.75 37.36
N LEU D 65 10.52 26.34 36.40
CA LEU D 65 9.87 25.64 35.30
C LEU D 65 9.99 26.46 34.02
N GLU D 66 10.51 25.82 32.94
CA GLU D 66 10.75 26.40 31.62
C GLU D 66 11.59 27.69 31.69
N ASP D 67 12.69 27.62 32.48
CA ASP D 67 13.67 28.70 32.74
C ASP D 67 13.08 29.90 33.50
N ASN D 68 11.87 29.74 34.08
CA ASN D 68 11.20 30.79 34.87
C ASN D 68 11.20 30.39 36.33
N VAL D 69 11.75 31.26 37.20
CA VAL D 69 11.78 31.03 38.64
C VAL D 69 10.38 31.32 39.18
N LEU D 70 9.68 30.25 39.62
CA LEU D 70 8.32 30.29 40.13
C LEU D 70 8.31 30.72 41.60
N MET D 71 9.15 30.07 42.42
CA MET D 71 9.27 30.33 43.86
C MET D 71 10.74 30.27 44.28
N SER D 72 11.18 31.22 45.13
CA SER D 72 12.54 31.30 45.68
C SER D 72 12.63 32.33 46.81
N GLY D 73 13.74 32.26 47.57
CA GLY D 73 14.03 33.20 48.65
C GLY D 73 14.28 34.60 48.13
N VAL D 74 14.93 34.71 46.95
CA VAL D 74 15.22 35.97 46.25
C VAL D 74 13.91 36.62 45.80
N LYS D 75 12.97 35.83 45.25
CA LYS D 75 11.65 36.27 44.81
C LYS D 75 10.76 36.68 46.00
N ASN D 76 11.15 36.24 47.22
CA ASN D 76 10.48 36.51 48.49
C ASN D 76 9.02 36.04 48.54
N ASN D 77 8.74 34.88 47.91
CA ASN D 77 7.39 34.29 47.86
C ASN D 77 7.40 32.87 48.45
N VAL D 78 8.35 32.60 49.36
CA VAL D 78 8.50 31.32 50.06
C VAL D 78 8.42 31.53 51.57
N GLY D 79 8.10 30.46 52.30
CA GLY D 79 8.01 30.47 53.75
C GLY D 79 8.00 29.08 54.33
N ARG D 80 8.03 28.99 55.67
CA ARG D 80 8.00 27.73 56.41
C ARG D 80 6.77 26.90 56.02
N GLY D 81 6.97 25.60 55.85
CA GLY D 81 5.93 24.64 55.49
C GLY D 81 6.08 24.09 54.09
N ILE D 82 4.93 23.82 53.44
CA ILE D 82 4.89 23.30 52.07
C ILE D 82 4.70 24.47 51.12
N ASN D 83 5.61 24.59 50.15
CA ASN D 83 5.62 25.62 49.12
C ASN D 83 5.12 24.98 47.83
N ILE D 84 3.96 25.45 47.35
CA ILE D 84 3.29 24.89 46.17
C ILE D 84 3.21 25.88 45.02
N ALA D 85 3.50 25.38 43.81
CA ALA D 85 3.39 26.12 42.56
C ALA D 85 2.45 25.33 41.63
N LEU D 86 1.37 25.97 41.18
CA LEU D 86 0.40 25.39 40.25
C LEU D 86 0.74 25.89 38.85
N VAL D 87 0.88 24.96 37.89
CA VAL D 87 1.27 25.26 36.52
C VAL D 87 0.25 24.67 35.54
N ASN D 88 -0.10 25.43 34.48
CA ASN D 88 -0.99 24.99 33.42
C ASN D 88 -0.28 23.87 32.64
N GLY D 89 -0.88 22.67 32.66
CA GLY D 89 -0.34 21.47 32.03
C GLY D 89 -0.22 21.51 30.51
N LYS D 90 -0.84 22.50 29.86
CA LYS D 90 -0.82 22.67 28.41
C LYS D 90 0.18 23.75 27.94
N THR D 91 0.19 24.92 28.61
CA THR D 91 1.05 26.06 28.24
C THR D 91 2.37 26.15 29.00
N GLY D 92 2.38 25.70 30.25
CA GLY D 92 3.56 25.76 31.11
C GLY D 92 3.64 27.04 31.92
N GLU D 93 2.58 27.86 31.86
CA GLU D 93 2.46 29.14 32.59
C GLU D 93 1.98 28.92 34.02
N VAL D 94 2.43 29.78 34.93
CA VAL D 94 2.07 29.73 36.35
C VAL D 94 0.61 30.15 36.56
N ILE D 95 -0.12 29.38 37.38
CA ILE D 95 -1.50 29.66 37.73
C ILE D 95 -1.49 30.41 39.08
N ASP D 96 -0.82 29.82 40.09
CA ASP D 96 -0.71 30.37 41.44
C ASP D 96 0.46 29.76 42.21
N THR D 97 1.02 30.52 43.16
CA THR D 97 2.09 30.08 44.06
C THR D 97 1.66 30.42 45.48
N LYS D 98 1.70 29.43 46.38
CA LYS D 98 1.29 29.60 47.79
C LYS D 98 2.18 28.77 48.70
N PHE D 99 2.30 29.20 49.97
CA PHE D 99 3.01 28.46 50.99
C PHE D 99 2.15 28.35 52.24
N PHE D 100 2.10 27.16 52.84
CA PHE D 100 1.28 26.90 54.01
C PHE D 100 2.13 26.41 55.16
N ASP D 101 2.09 27.14 56.29
CA ASP D 101 2.87 26.83 57.50
C ASP D 101 2.35 25.56 58.15
N MET D 102 3.09 24.45 57.94
CA MET D 102 2.71 23.16 58.49
C MET D 102 3.27 22.90 59.91
N TRP D 103 3.79 23.95 60.58
N TRP D 103 3.76 23.94 60.58
CA TRP D 103 4.30 23.86 61.94
CA TRP D 103 4.25 23.82 61.96
C TRP D 103 3.43 24.70 62.88
C TRP D 103 3.41 24.70 62.89
N GLY D 104 3.27 25.98 62.54
CA GLY D 104 2.51 26.94 63.34
C GLY D 104 1.25 27.49 62.71
N GLY D 105 0.86 26.95 61.56
CA GLY D 105 -0.32 27.39 60.83
C GLY D 105 -1.50 26.42 60.86
N ASP D 106 -2.59 26.82 60.19
CA ASP D 106 -3.83 26.05 60.09
C ASP D 106 -3.80 25.19 58.83
N VAL D 107 -4.20 23.91 58.95
CA VAL D 107 -4.23 22.96 57.84
C VAL D 107 -5.47 23.18 56.94
N ALA D 108 -6.59 23.72 57.50
CA ALA D 108 -7.84 23.97 56.78
C ALA D 108 -7.67 24.80 55.48
N PRO D 109 -6.96 25.97 55.45
CA PRO D 109 -6.79 26.67 54.16
C PRO D 109 -5.95 25.90 53.14
N PHE D 110 -5.02 25.03 53.62
CA PHE D 110 -4.18 24.20 52.76
C PHE D 110 -5.01 23.12 52.08
N ILE D 111 -5.92 22.45 52.85
CA ILE D 111 -6.85 21.42 52.35
C ILE D 111 -7.79 22.05 51.32
N GLU D 112 -8.28 23.27 51.60
CA GLU D 112 -9.16 24.05 50.72
C GLU D 112 -8.44 24.37 49.40
N PHE D 113 -7.15 24.74 49.47
CA PHE D 113 -6.30 25.03 48.31
C PHE D 113 -6.07 23.78 47.44
N LEU D 114 -5.88 22.61 48.08
CA LEU D 114 -5.66 21.33 47.39
C LEU D 114 -6.92 20.88 46.63
N LYS D 115 -8.10 21.14 47.20
CA LYS D 115 -9.41 20.80 46.61
C LYS D 115 -9.75 21.69 45.41
N THR D 116 -9.25 22.93 45.37
CA THR D 116 -9.51 23.87 44.26
C THR D 116 -8.73 23.53 42.99
N ILE D 117 -7.64 22.73 43.11
CA ILE D 117 -6.80 22.32 41.97
C ILE D 117 -7.66 21.64 40.91
N GLN D 118 -7.65 22.19 39.68
CA GLN D 118 -8.43 21.70 38.54
C GLN D 118 -7.65 20.67 37.72
N ASP D 119 -8.35 19.95 36.81
CA ASP D 119 -7.74 18.96 35.92
C ASP D 119 -6.85 19.66 34.88
N GLY D 120 -5.73 19.04 34.57
CA GLY D 120 -4.73 19.56 33.65
C GLY D 120 -3.79 20.54 34.30
N THR D 121 -3.53 20.37 35.61
CA THR D 121 -2.63 21.24 36.39
C THR D 121 -1.45 20.44 36.94
N VAL D 122 -0.23 20.92 36.66
CA VAL D 122 1.03 20.34 37.15
C VAL D 122 1.24 20.96 38.55
N VAL D 123 1.46 20.10 39.57
CA VAL D 123 1.62 20.54 40.95
C VAL D 123 3.05 20.28 41.45
N LEU D 124 3.78 21.35 41.77
CA LEU D 124 5.16 21.27 42.27
C LEU D 124 5.18 21.68 43.75
N MET D 125 5.65 20.76 44.62
CA MET D 125 5.70 20.98 46.07
C MET D 125 7.11 20.83 46.64
N ALA D 126 7.51 21.76 47.53
CA ALA D 126 8.82 21.75 48.19
C ALA D 126 8.70 22.19 49.66
N THR D 127 9.42 21.51 50.55
CA THR D 127 9.40 21.82 51.99
C THR D 127 10.42 22.89 52.36
N TYR D 128 10.15 23.61 53.46
CA TYR D 128 11.02 24.62 54.07
C TYR D 128 10.85 24.50 55.56
N ASP D 129 11.95 24.17 56.27
CA ASP D 129 12.04 24.00 57.74
C ASP D 129 11.27 22.74 58.17
N ASP D 130 9.93 22.77 58.12
CA ASP D 130 9.06 21.64 58.44
C ASP D 130 7.75 21.73 57.67
N GLY D 131 7.37 20.64 57.01
CA GLY D 131 6.12 20.57 56.26
C GLY D 131 5.24 19.40 56.62
N ALA D 132 5.36 18.86 57.85
CA ALA D 132 4.58 17.66 58.23
C ALA D 132 3.77 17.71 59.54
N THR D 133 4.18 18.53 60.53
CA THR D 133 3.53 18.58 61.85
C THR D 133 1.99 18.76 61.79
N LYS D 134 1.50 19.74 61.03
CA LYS D 134 0.07 20.04 60.93
C LYS D 134 -0.69 19.20 59.90
N LEU D 135 0.02 18.32 59.14
CA LEU D 135 -0.62 17.45 58.14
C LEU D 135 -1.60 16.48 58.78
N THR D 136 -2.75 16.31 58.13
CA THR D 136 -3.81 15.39 58.56
C THR D 136 -3.89 14.24 57.56
N ASP D 137 -4.72 13.21 57.86
CA ASP D 137 -4.91 12.07 56.96
C ASP D 137 -5.52 12.55 55.64
N GLU D 138 -6.46 13.52 55.70
CA GLU D 138 -7.13 14.14 54.55
C GLU D 138 -6.12 14.87 53.65
N ALA D 139 -5.23 15.68 54.25
CA ALA D 139 -4.19 16.44 53.52
C ALA D 139 -3.22 15.48 52.82
N ARG D 140 -2.78 14.40 53.51
CA ARG D 140 -1.86 13.39 52.97
C ARG D 140 -2.53 12.60 51.83
N ARG D 141 -3.84 12.31 51.94
CA ARG D 141 -4.63 11.58 50.94
C ARG D 141 -4.75 12.40 49.65
N LEU D 142 -5.02 13.72 49.76
CA LEU D 142 -5.14 14.64 48.62
C LEU D 142 -3.84 14.77 47.83
N ILE D 143 -2.69 14.84 48.53
CA ILE D 143 -1.36 14.93 47.92
C ILE D 143 -0.99 13.58 47.27
N ALA D 144 -1.37 12.45 47.91
CA ALA D 144 -1.14 11.10 47.39
C ALA D 144 -1.88 10.90 46.06
N GLU D 145 -3.10 11.49 45.95
CA GLU D 145 -3.95 11.46 44.75
C GLU D 145 -3.29 12.19 43.57
N LEU D 146 -2.37 13.13 43.86
CA LEU D 146 -1.61 13.90 42.86
C LEU D 146 -0.40 13.12 42.32
N GLY D 147 -0.14 11.94 42.89
CA GLY D 147 0.94 11.05 42.48
C GLY D 147 2.07 10.87 43.48
N SER D 148 1.85 11.28 44.74
CA SER D 148 2.86 11.19 45.79
C SER D 148 2.86 9.87 46.55
N THR D 149 4.06 9.31 46.75
CA THR D 149 4.31 8.06 47.49
C THR D 149 4.87 8.39 48.89
N SER D 150 5.72 9.42 48.99
CA SER D 150 6.42 9.84 50.22
C SER D 150 5.60 10.67 51.23
N ILE D 151 4.50 11.32 50.79
CA ILE D 151 3.67 12.19 51.66
C ILE D 151 3.08 11.42 52.87
N THR D 152 2.75 10.12 52.72
CA THR D 152 2.18 9.31 53.80
C THR D 152 3.17 9.07 54.95
N SER D 153 4.48 9.12 54.66
CA SER D 153 5.54 8.93 55.66
C SER D 153 6.32 10.22 55.99
N LEU D 154 5.86 11.38 55.49
CA LEU D 154 6.51 12.68 55.76
C LEU D 154 6.40 13.04 57.24
N GLY D 155 7.57 13.19 57.88
CA GLY D 155 7.70 13.51 59.30
C GLY D 155 8.35 14.85 59.57
N PHE D 156 8.41 15.22 60.86
CA PHE D 156 8.97 16.46 61.37
C PHE D 156 10.36 16.78 60.80
N ARG D 157 10.49 17.95 60.15
CA ARG D 157 11.70 18.51 59.54
C ARG D 157 12.29 17.71 58.36
N ASP D 158 11.55 16.73 57.80
CA ASP D 158 12.02 15.98 56.63
C ASP D 158 12.04 16.92 55.42
N ASN D 159 13.02 16.74 54.53
CA ASN D 159 13.09 17.53 53.30
C ASN D 159 12.43 16.75 52.18
N TRP D 160 11.57 17.40 51.40
CA TRP D 160 10.80 16.76 50.35
C TRP D 160 10.52 17.67 49.17
N VAL D 161 10.72 17.12 47.96
CA VAL D 161 10.42 17.77 46.67
C VAL D 161 9.57 16.82 45.85
N PHE D 162 8.52 17.35 45.20
CA PHE D 162 7.58 16.55 44.44
C PHE D 162 6.98 17.31 43.27
N CYS D 163 6.80 16.62 42.14
CA CYS D 163 6.18 17.18 40.96
C CYS D 163 5.15 16.20 40.43
N GLY D 164 3.89 16.46 40.75
CA GLY D 164 2.77 15.63 40.32
C GLY D 164 1.75 16.42 39.52
N GLY D 165 0.50 16.00 39.62
CA GLY D 165 -0.58 16.66 38.92
C GLY D 165 -1.93 15.99 39.06
N LYS D 166 -2.95 16.70 38.57
CA LYS D 166 -4.35 16.27 38.53
C LYS D 166 -4.73 16.28 37.05
N GLY D 167 -5.13 15.12 36.53
CA GLY D 167 -5.51 14.96 35.13
C GLY D 167 -4.36 15.09 34.16
N ILE D 168 -3.15 14.65 34.57
CA ILE D 168 -1.95 14.66 33.73
C ILE D 168 -1.45 13.24 33.51
N LYS D 169 -1.28 12.87 32.24
CA LYS D 169 -0.81 11.57 31.78
C LYS D 169 0.67 11.44 32.12
N THR D 170 1.02 10.40 32.89
CA THR D 170 2.39 10.12 33.34
C THR D 170 3.07 9.13 32.38
N LYS D 171 4.35 9.39 32.05
CA LYS D 171 5.13 8.52 31.17
C LYS D 171 5.52 7.25 31.92
N SER D 172 5.52 6.13 31.20
CA SER D 172 5.85 4.82 31.74
C SER D 172 7.33 4.68 32.09
N PRO D 173 7.68 4.04 33.24
CA PRO D 173 9.10 3.81 33.54
C PRO D 173 9.66 2.60 32.79
N PHE D 174 8.78 1.86 32.07
CA PHE D 174 9.12 0.67 31.30
C PHE D 174 9.14 0.96 29.81
N GLU D 175 10.33 1.33 29.31
CA GLU D 175 10.56 1.66 27.90
C GLU D 175 12.06 1.58 27.58
N GLN D 176 12.40 0.86 26.50
CA GLN D 176 13.77 0.69 26.01
C GLN D 176 13.76 0.82 24.50
N HIS D 177 14.69 1.64 23.96
CA HIS D 177 14.77 1.92 22.53
C HIS D 177 16.21 1.98 22.02
N ILE D 178 16.54 1.14 21.01
CA ILE D 178 17.86 1.08 20.35
C ILE D 178 17.70 1.48 18.89
N LYS D 179 18.32 2.61 18.51
CA LYS D 179 18.26 3.18 17.17
C LYS D 179 19.02 2.38 16.13
N ASN D 180 18.49 2.37 14.90
CA ASN D 180 19.11 1.72 13.76
C ASN D 180 20.26 2.62 13.31
N ASN D 181 21.49 2.25 13.69
CA ASN D 181 22.71 3.01 13.37
C ASN D 181 23.78 2.07 12.84
N LYS D 182 24.03 2.15 11.51
CA LYS D 182 24.99 1.34 10.74
C LYS D 182 26.38 1.22 11.41
N GLU D 183 26.82 2.28 12.03
CA GLU D 183 28.06 2.33 12.76
C GLU D 183 28.19 1.26 13.82
N THR D 184 27.16 1.13 14.63
CA THR D 184 27.14 0.24 15.80
C THR D 184 26.23 -0.99 15.69
N ASN D 185 25.39 -1.10 14.62
CA ASN D 185 24.45 -2.22 14.42
C ASN D 185 25.10 -3.60 14.51
N LYS D 186 24.62 -4.44 15.46
CA LYS D 186 25.11 -5.81 15.69
C LYS D 186 24.92 -6.67 14.43
N TYR D 187 23.77 -6.51 13.75
CA TYR D 187 23.45 -7.27 12.53
C TYR D 187 23.65 -6.46 11.25
N GLU D 188 24.36 -5.31 11.35
CA GLU D 188 24.70 -4.35 10.28
C GLU D 188 23.46 -3.63 9.70
N GLY D 189 22.53 -4.39 9.12
CA GLY D 189 21.29 -3.85 8.57
C GLY D 189 20.27 -3.51 9.64
N TRP D 190 20.39 -4.15 10.82
CA TRP D 190 19.49 -3.98 11.97
C TRP D 190 20.29 -3.89 13.29
N PRO D 191 19.77 -3.16 14.32
CA PRO D 191 20.47 -3.13 15.61
C PRO D 191 20.23 -4.39 16.44
N GLU D 192 20.91 -4.49 17.60
CA GLU D 192 20.77 -5.62 18.52
C GLU D 192 19.37 -5.66 19.18
N VAL D 193 19.00 -6.84 19.71
CA VAL D 193 17.73 -7.07 20.42
C VAL D 193 17.70 -6.18 21.66
N VAL D 194 16.56 -5.49 21.88
CA VAL D 194 16.35 -4.68 23.07
C VAL D 194 15.52 -5.50 24.06
N GLU D 195 16.04 -5.70 25.29
CA GLU D 195 15.39 -6.49 26.34
C GLU D 195 14.97 -5.62 27.52
N MET D 196 13.88 -6.03 28.19
CA MET D 196 13.35 -5.31 29.36
C MET D 196 12.58 -6.25 30.30
N GLU D 197 12.77 -6.04 31.60
CA GLU D 197 12.10 -6.78 32.67
C GLU D 197 11.76 -5.86 33.85
N GLY D 198 10.67 -6.16 34.55
CA GLY D 198 10.24 -5.36 35.69
C GLY D 198 8.98 -5.86 36.38
N CYS D 199 8.39 -4.99 37.21
CA CYS D 199 7.18 -5.26 37.99
C CYS D 199 6.13 -4.16 37.78
N ILE D 200 4.99 -4.51 37.14
CA ILE D 200 3.90 -3.57 36.86
C ILE D 200 2.96 -3.50 38.07
N PRO D 201 2.67 -2.30 38.64
CA PRO D 201 1.76 -2.24 39.80
C PRO D 201 0.32 -2.60 39.45
N GLN D 202 -0.29 -3.48 40.27
CA GLN D 202 -1.67 -3.97 40.13
C GLN D 202 -2.65 -2.87 40.49
#